data_4AYT
#
_entry.id   4AYT
#
_cell.length_a   175.110
_cell.length_b   175.110
_cell.length_c   49.550
_cell.angle_alpha   90.00
_cell.angle_beta   90.00
_cell.angle_gamma   120.00
#
_symmetry.space_group_name_H-M   'P 31 2 1'
#
loop_
_entity.id
_entity.type
_entity.pdbx_description
1 polymer 'ATP-BINDING CASSETTE SUB-FAMILY B MEMBER 10 MITOCHONDRIAL'
2 non-polymer GLYCINE
3 non-polymer 'MAGNESIUM ION'
4 non-polymer 'PHOSPHOMETHYLPHOSPHONIC ACID ADENYLATE ESTER'
5 non-polymer DODECYL-BETA-D-MALTOSIDE
6 non-polymer CARDIOLIPIN
7 water water
#
_entity_poly.entity_id   1
_entity_poly.type   'polypeptide(L)'
_entity_poly.pdbx_seq_one_letter_code
;MAGLPEARKLLGLAYPERRRLAAAVGFLTMSSVISMSAPFFLGKIIDVIYTNPTVDYSDNLTRLCLGLSAVFLCGAAANA
IRVYLMQTSGQRIVNRLRTSLFSSILRQEVAFFDKTRTGELINRLSSDTALLGRSVTENLSDGLRAGAQASVGISMMFFV
SPNLATFVLSVVPPVSIIAVIYGRYLRKLTKVTQDSLAQATQLAEERIGNVRTVRAFGKEMTEIEKYASKVDHVMQLARK
EAFARAGFFGATGLSGNLIVLSVLYKGGLLMGSAHMTVGELSSFLMYAFWVGISIGGLSSFYSELMKGLGAGGRLWELLE
REPKLPFNEGVILNEKSFQGALEFKNVHFAYPARPEVPIFQDFSLSIPSGSVTALVGPSGSGKSTVLSLLLRLYDPASGT
ISLDGHDIRQLNPVWLRSKIGTVSQEPILFSCSIAENIAYGADDPSSVTAEEIQRVAEVANAVAFIRNFPQGFNTVVGEK
GVLLSGGQKQRIAIARALLKNPKILLLDEATSALDAENEYLVQEALDRLMDGRTVLVIAHRLSTIKNANMVAVLDQGKIT
EYGKHEELLSKPNGIYRKLMNKQSFISAAENLYFQ
;
_entity_poly.pdbx_strand_id   A
#
loop_
_chem_comp.id
_chem_comp.type
_chem_comp.name
_chem_comp.formula
ACP non-polymer 'PHOSPHOMETHYLPHOSPHONIC ACID ADENYLATE ESTER' 'C11 H18 N5 O12 P3'
CDL non-polymer CARDIOLIPIN 'C81 H156 O17 P2 -2'
LMT D-saccharide DODECYL-BETA-D-MALTOSIDE 'C24 H46 O11'
MG non-polymer 'MAGNESIUM ION' 'Mg 2'
#
# COMPACT_ATOMS: atom_id res chain seq x y z
N LEU A 4 1.79 -24.29 7.09
CA LEU A 4 0.43 -24.70 7.42
C LEU A 4 -0.38 -23.62 8.18
N PRO A 5 0.16 -22.83 9.16
CA PRO A 5 -0.68 -21.80 9.82
C PRO A 5 -0.99 -20.62 8.88
N GLU A 6 -0.08 -20.36 7.91
CA GLU A 6 -0.18 -19.32 6.88
C GLU A 6 -1.12 -19.75 5.75
N ALA A 7 -1.10 -21.05 5.38
CA ALA A 7 -1.93 -21.68 4.36
C ALA A 7 -3.42 -21.69 4.76
N ARG A 8 -3.68 -21.78 6.08
CA ARG A 8 -5.01 -21.75 6.69
C ARG A 8 -5.67 -20.36 6.50
N LYS A 9 -4.85 -19.29 6.55
CA LYS A 9 -5.28 -17.91 6.36
C LYS A 9 -5.63 -17.67 4.88
N LEU A 10 -4.81 -18.20 3.95
CA LEU A 10 -4.99 -18.10 2.49
C LEU A 10 -6.21 -18.88 2.01
N LEU A 11 -6.52 -20.01 2.68
CA LEU A 11 -7.67 -20.85 2.37
C LEU A 11 -8.98 -20.15 2.76
N GLY A 12 -9.00 -19.56 3.96
CA GLY A 12 -10.15 -18.81 4.49
C GLY A 12 -10.44 -17.54 3.71
N LEU A 13 -9.38 -16.95 3.13
CA LEU A 13 -9.43 -15.73 2.29
C LEU A 13 -10.19 -16.03 0.99
N ALA A 14 -9.96 -17.21 0.41
CA ALA A 14 -10.58 -17.70 -0.81
C ALA A 14 -11.92 -18.37 -0.54
N TYR A 15 -12.17 -18.74 0.73
CA TYR A 15 -13.37 -19.44 1.19
C TYR A 15 -14.70 -18.78 0.74
N PRO A 16 -14.95 -17.45 0.87
CA PRO A 16 -16.25 -16.94 0.44
C PRO A 16 -16.51 -17.11 -1.07
N GLU A 17 -15.43 -17.29 -1.84
CA GLU A 17 -15.47 -17.45 -3.29
C GLU A 17 -15.32 -18.92 -3.73
N ARG A 18 -15.38 -19.88 -2.76
CA ARG A 18 -15.20 -21.34 -2.96
C ARG A 18 -15.98 -21.94 -4.16
N ARG A 19 -17.27 -21.55 -4.37
CA ARG A 19 -18.09 -22.10 -5.46
C ARG A 19 -17.67 -21.58 -6.84
N ARG A 20 -17.23 -20.32 -6.96
CA ARG A 20 -16.78 -19.73 -8.24
C ARG A 20 -15.46 -20.37 -8.66
N LEU A 21 -14.51 -20.46 -7.71
CA LEU A 21 -13.20 -21.03 -7.93
C LEU A 21 -13.29 -22.54 -8.20
N ALA A 22 -14.26 -23.26 -7.57
CA ALA A 22 -14.47 -24.69 -7.84
C ALA A 22 -15.02 -24.93 -9.25
N ALA A 23 -15.90 -24.02 -9.75
CA ALA A 23 -16.44 -24.11 -11.12
C ALA A 23 -15.35 -23.81 -12.16
N ALA A 24 -14.59 -22.71 -11.96
CA ALA A 24 -13.50 -22.29 -12.83
C ALA A 24 -12.39 -23.37 -12.90
N VAL A 25 -12.04 -23.98 -11.75
CA VAL A 25 -11.04 -25.08 -11.69
C VAL A 25 -11.59 -26.33 -12.42
N GLY A 26 -12.90 -26.56 -12.30
CA GLY A 26 -13.61 -27.64 -12.98
C GLY A 26 -13.55 -27.47 -14.49
N PHE A 27 -13.65 -26.21 -14.99
CA PHE A 27 -13.54 -25.87 -16.41
C PHE A 27 -12.08 -25.95 -16.86
N LEU A 28 -11.13 -25.59 -15.98
CA LEU A 28 -9.68 -25.63 -16.23
C LEU A 28 -9.20 -27.08 -16.29
N THR A 29 -9.86 -28.00 -15.54
CA THR A 29 -9.60 -29.44 -15.50
C THR A 29 -9.98 -30.04 -16.83
N MET A 30 -11.22 -29.76 -17.29
CA MET A 30 -11.79 -30.20 -18.55
C MET A 30 -10.89 -29.82 -19.72
N SER A 31 -10.65 -28.50 -19.88
CA SER A 31 -9.83 -27.91 -20.94
C SER A 31 -8.42 -28.48 -20.95
N SER A 32 -7.68 -28.46 -19.81
CA SER A 32 -6.30 -28.94 -19.70
C SER A 32 -6.16 -30.39 -20.09
N VAL A 33 -7.02 -31.27 -19.57
CA VAL A 33 -6.98 -32.71 -19.80
C VAL A 33 -7.45 -33.04 -21.22
N ILE A 34 -8.58 -32.47 -21.72
CA ILE A 34 -9.06 -32.75 -23.09
C ILE A 34 -7.98 -32.31 -24.11
N SER A 35 -7.35 -31.15 -23.85
CA SER A 35 -6.26 -30.56 -24.63
C SER A 35 -5.05 -31.51 -24.76
N MET A 36 -4.67 -32.20 -23.64
CA MET A 36 -3.53 -33.14 -23.53
C MET A 36 -3.65 -34.34 -24.47
N SER A 37 -4.87 -34.71 -24.91
CA SER A 37 -5.05 -35.85 -25.80
C SER A 37 -4.63 -35.54 -27.27
N ALA A 38 -4.52 -34.24 -27.65
CA ALA A 38 -4.15 -33.82 -29.02
C ALA A 38 -2.83 -34.45 -29.54
N PRO A 39 -1.67 -34.50 -28.79
CA PRO A 39 -0.45 -35.10 -29.37
C PRO A 39 -0.63 -36.59 -29.63
N PHE A 40 -1.49 -37.27 -28.84
CA PHE A 40 -1.77 -38.70 -29.01
C PHE A 40 -2.53 -38.93 -30.31
N PHE A 41 -3.60 -38.18 -30.52
CA PHE A 41 -4.42 -38.30 -31.72
C PHE A 41 -3.72 -37.78 -32.95
N LEU A 42 -2.81 -36.80 -32.82
CA LEU A 42 -2.03 -36.30 -33.96
C LEU A 42 -1.06 -37.40 -34.46
N GLY A 43 -0.46 -38.14 -33.52
CA GLY A 43 0.41 -39.28 -33.78
C GLY A 43 -0.26 -40.37 -34.60
N LYS A 44 -1.47 -40.80 -34.18
CA LYS A 44 -2.27 -41.81 -34.90
C LYS A 44 -2.68 -41.29 -36.31
N ILE A 45 -3.02 -40.00 -36.46
CA ILE A 45 -3.35 -39.43 -37.77
C ILE A 45 -2.08 -39.46 -38.66
N ILE A 46 -0.91 -39.07 -38.13
CA ILE A 46 0.37 -39.07 -38.84
C ILE A 46 0.66 -40.52 -39.37
N ASP A 47 0.46 -41.56 -38.53
CA ASP A 47 0.70 -42.95 -38.92
C ASP A 47 -0.29 -43.47 -39.97
N VAL A 48 -1.56 -43.04 -39.89
CA VAL A 48 -2.64 -43.40 -40.83
C VAL A 48 -2.25 -42.88 -42.24
N ILE A 49 -1.83 -41.60 -42.37
CA ILE A 49 -1.37 -40.96 -43.60
C ILE A 49 -0.15 -41.74 -44.16
N TYR A 50 0.86 -41.98 -43.27
CA TYR A 50 2.09 -42.70 -43.59
CA TYR A 50 2.10 -42.68 -43.62
C TYR A 50 1.80 -44.07 -44.21
N THR A 51 0.91 -44.85 -43.56
CA THR A 51 0.52 -46.20 -44.00
C THR A 51 -0.24 -46.18 -45.33
N ASN A 52 -1.14 -45.19 -45.52
CA ASN A 52 -2.02 -45.14 -46.67
C ASN A 52 -1.87 -43.87 -47.53
N PRO A 53 -0.77 -43.78 -48.33
CA PRO A 53 -0.61 -42.62 -49.22
C PRO A 53 -1.57 -42.58 -50.43
N THR A 54 -2.29 -43.67 -50.72
CA THR A 54 -3.19 -43.82 -51.87
C THR A 54 -4.68 -43.59 -51.51
N VAL A 55 -4.98 -43.41 -50.20
CA VAL A 55 -6.35 -43.24 -49.73
C VAL A 55 -6.77 -41.75 -49.68
N ASP A 56 -7.99 -41.48 -50.16
CA ASP A 56 -8.67 -40.19 -50.11
C ASP A 56 -9.20 -40.03 -48.70
N TYR A 57 -8.81 -38.94 -48.03
CA TYR A 57 -9.20 -38.71 -46.64
C TYR A 57 -10.00 -37.42 -46.46
N SER A 58 -10.48 -36.83 -47.57
CA SER A 58 -11.23 -35.58 -47.63
C SER A 58 -12.48 -35.56 -46.72
N ASP A 59 -13.29 -36.64 -46.73
CA ASP A 59 -14.52 -36.70 -45.93
C ASP A 59 -14.22 -36.88 -44.45
N ASN A 60 -13.11 -37.56 -44.14
CA ASN A 60 -12.66 -37.77 -42.77
C ASN A 60 -12.12 -36.48 -42.22
N LEU A 61 -11.34 -35.75 -43.04
CA LEU A 61 -10.75 -34.45 -42.74
C LEU A 61 -11.86 -33.43 -42.49
N THR A 62 -12.85 -33.34 -43.40
CA THR A 62 -13.97 -32.42 -43.31
C THR A 62 -14.75 -32.70 -42.01
N ARG A 63 -15.06 -33.97 -41.70
CA ARG A 63 -15.78 -34.33 -40.48
C ARG A 63 -14.95 -34.02 -39.24
N LEU A 64 -13.66 -34.36 -39.26
CA LEU A 64 -12.73 -34.11 -38.16
C LEU A 64 -12.60 -32.61 -37.88
N CYS A 65 -12.49 -31.80 -38.94
CA CYS A 65 -12.35 -30.35 -38.82
C CYS A 65 -13.66 -29.70 -38.42
N LEU A 66 -14.81 -30.25 -38.85
CA LEU A 66 -16.12 -29.77 -38.45
C LEU A 66 -16.35 -30.05 -36.96
N GLY A 67 -16.00 -31.28 -36.55
CA GLY A 67 -16.09 -31.73 -35.17
C GLY A 67 -15.15 -30.96 -34.27
N LEU A 68 -13.92 -30.65 -34.78
CA LEU A 68 -12.93 -29.87 -34.01
C LEU A 68 -13.41 -28.45 -33.79
N SER A 69 -14.23 -27.89 -34.71
CA SER A 69 -14.81 -26.53 -34.57
C SER A 69 -15.72 -26.45 -33.35
N ALA A 70 -16.63 -27.44 -33.20
CA ALA A 70 -17.55 -27.56 -32.07
C ALA A 70 -16.81 -27.75 -30.73
N VAL A 71 -15.69 -28.51 -30.75
CA VAL A 71 -14.88 -28.73 -29.55
C VAL A 71 -14.19 -27.40 -29.17
N PHE A 72 -13.69 -26.65 -30.19
CA PHE A 72 -13.04 -25.34 -30.02
C PHE A 72 -14.02 -24.28 -29.55
N LEU A 73 -15.26 -24.28 -30.09
CA LEU A 73 -16.31 -23.33 -29.70
C LEU A 73 -16.68 -23.54 -28.23
N CYS A 74 -16.73 -24.81 -27.79
CA CYS A 74 -17.01 -25.20 -26.40
C CYS A 74 -15.86 -24.76 -25.53
N GLY A 75 -14.63 -25.13 -25.88
CA GLY A 75 -13.42 -24.78 -25.14
C GLY A 75 -13.25 -23.28 -24.92
N ALA A 76 -13.61 -22.46 -25.95
CA ALA A 76 -13.56 -20.99 -25.92
C ALA A 76 -14.61 -20.46 -24.92
N ALA A 77 -15.85 -21.00 -24.99
CA ALA A 77 -16.96 -20.69 -24.09
C ALA A 77 -16.64 -21.16 -22.67
N ALA A 78 -15.89 -22.28 -22.52
CA ALA A 78 -15.48 -22.79 -21.21
C ALA A 78 -14.43 -21.87 -20.61
N ASN A 79 -13.40 -21.50 -21.43
CA ASN A 79 -12.32 -20.59 -21.07
C ASN A 79 -12.87 -19.20 -20.68
N ALA A 80 -13.77 -18.62 -21.51
CA ALA A 80 -14.36 -17.32 -21.20
C ALA A 80 -14.96 -17.34 -19.79
N ILE A 81 -15.80 -18.35 -19.47
CA ILE A 81 -16.46 -18.50 -18.16
C ILE A 81 -15.41 -18.61 -17.06
N ARG A 82 -14.40 -19.49 -17.26
CA ARG A 82 -13.30 -19.72 -16.32
C ARG A 82 -12.58 -18.42 -15.96
N VAL A 83 -12.14 -17.65 -16.96
CA VAL A 83 -11.45 -16.35 -16.80
C VAL A 83 -12.33 -15.40 -15.95
N TYR A 84 -13.58 -15.17 -16.36
CA TYR A 84 -14.52 -14.30 -15.66
C TYR A 84 -14.70 -14.72 -14.20
N LEU A 85 -15.01 -16.01 -13.92
CA LEU A 85 -15.16 -16.49 -12.53
C LEU A 85 -13.89 -16.23 -11.71
N MET A 86 -12.69 -16.45 -12.29
CA MET A 86 -11.38 -16.26 -11.67
C MET A 86 -11.09 -14.81 -11.37
N GLN A 87 -11.28 -13.94 -12.38
CA GLN A 87 -11.02 -12.51 -12.30
C GLN A 87 -11.94 -11.84 -11.26
N THR A 88 -13.26 -12.16 -11.30
CA THR A 88 -14.27 -11.61 -10.38
C THR A 88 -14.07 -12.14 -8.94
N SER A 89 -13.64 -13.40 -8.77
CA SER A 89 -13.34 -13.98 -7.45
C SER A 89 -12.22 -13.23 -6.79
N GLY A 90 -11.21 -12.89 -7.58
CA GLY A 90 -10.05 -12.13 -7.12
C GLY A 90 -10.42 -10.71 -6.79
N GLN A 91 -11.36 -10.12 -7.58
CA GLN A 91 -11.82 -8.74 -7.39
C GLN A 91 -12.51 -8.57 -6.03
N ARG A 92 -13.43 -9.51 -5.67
CA ARG A 92 -14.16 -9.58 -4.40
C ARG A 92 -13.19 -9.79 -3.22
N ILE A 93 -12.14 -10.61 -3.41
CA ILE A 93 -11.09 -10.87 -2.41
C ILE A 93 -10.26 -9.60 -2.22
N VAL A 94 -9.88 -8.92 -3.32
CA VAL A 94 -9.08 -7.67 -3.28
C VAL A 94 -9.93 -6.54 -2.64
N ASN A 95 -11.27 -6.51 -2.92
CA ASN A 95 -12.20 -5.55 -2.32
C ASN A 95 -12.28 -5.75 -0.81
N ARG A 96 -12.48 -7.01 -0.35
CA ARG A 96 -12.54 -7.33 1.08
C ARG A 96 -11.21 -7.00 1.78
N LEU A 97 -10.05 -7.14 1.08
CA LEU A 97 -8.74 -6.83 1.65
C LEU A 97 -8.52 -5.33 1.78
N ARG A 98 -9.04 -4.54 0.82
CA ARG A 98 -8.88 -3.11 0.78
C ARG A 98 -9.62 -2.43 1.94
N THR A 99 -10.91 -2.79 2.10
CA THR A 99 -11.81 -2.26 3.13
C THR A 99 -11.27 -2.61 4.53
N SER A 100 -10.76 -3.84 4.70
CA SER A 100 -10.24 -4.31 5.97
C SER A 100 -8.91 -3.68 6.34
N LEU A 101 -8.01 -3.49 5.36
CA LEU A 101 -6.69 -2.92 5.60
C LEU A 101 -6.81 -1.44 5.92
N PHE A 102 -7.65 -0.70 5.15
CA PHE A 102 -7.87 0.72 5.39
C PHE A 102 -8.48 0.99 6.76
N SER A 103 -9.48 0.16 7.16
CA SER A 103 -10.17 0.18 8.46
C SER A 103 -9.16 0.02 9.61
N SER A 104 -8.21 -0.92 9.49
CA SER A 104 -7.19 -1.17 10.52
C SER A 104 -6.24 -0.02 10.63
N ILE A 105 -5.79 0.55 9.48
CA ILE A 105 -4.82 1.65 9.43
C ILE A 105 -5.38 2.87 10.16
N LEU A 106 -6.60 3.33 9.76
CA LEU A 106 -7.20 4.52 10.37
C LEU A 106 -7.40 4.36 11.89
N ARG A 107 -7.71 3.15 12.36
CA ARG A 107 -7.90 2.83 13.79
C ARG A 107 -6.63 2.95 14.63
N GLN A 108 -5.44 2.78 14.03
CA GLN A 108 -4.13 2.85 14.71
C GLN A 108 -3.88 4.20 15.38
N GLU A 109 -3.03 4.21 16.43
CA GLU A 109 -2.65 5.44 17.12
C GLU A 109 -1.74 6.31 16.23
N VAL A 110 -1.63 7.63 16.52
CA VAL A 110 -0.81 8.59 15.74
C VAL A 110 0.64 8.08 15.71
N ALA A 111 1.18 7.62 16.86
CA ALA A 111 2.55 7.10 16.98
C ALA A 111 2.88 6.08 15.89
N PHE A 112 1.88 5.27 15.45
CA PHE A 112 2.07 4.29 14.37
C PHE A 112 2.46 5.00 13.08
N PHE A 113 1.76 6.09 12.75
CA PHE A 113 2.01 6.88 11.55
C PHE A 113 3.30 7.68 11.70
N ASP A 114 3.72 7.98 12.94
CA ASP A 114 5.00 8.68 13.18
C ASP A 114 6.19 7.82 12.78
N LYS A 115 6.05 6.47 12.90
CA LYS A 115 7.11 5.48 12.64
C LYS A 115 6.93 4.75 11.28
N THR A 116 5.74 4.82 10.66
CA THR A 116 5.47 4.16 9.38
C THR A 116 5.21 5.21 8.27
N ARG A 117 5.93 5.08 7.13
CA ARG A 117 5.79 5.97 5.98
C ARG A 117 4.49 5.67 5.23
N THR A 118 3.85 6.73 4.71
CA THR A 118 2.57 6.67 3.98
C THR A 118 2.73 5.83 2.70
N GLY A 119 3.86 6.01 2.01
CA GLY A 119 4.22 5.26 0.80
C GLY A 119 4.16 3.76 1.02
N GLU A 120 4.70 3.29 2.16
CA GLU A 120 4.69 1.88 2.55
C GLU A 120 3.28 1.38 2.81
N LEU A 121 2.42 2.23 3.40
CA LEU A 121 1.02 1.89 3.69
C LEU A 121 0.21 1.87 2.41
N ILE A 122 0.50 2.78 1.46
CA ILE A 122 -0.19 2.85 0.16
C ILE A 122 0.27 1.67 -0.72
N ASN A 123 1.59 1.35 -0.74
CA ASN A 123 2.12 0.19 -1.46
C ASN A 123 1.50 -1.10 -0.93
N ARG A 124 1.26 -1.19 0.41
CA ARG A 124 0.60 -2.36 1.00
C ARG A 124 -0.90 -2.43 0.66
N LEU A 125 -1.54 -1.26 0.44
CA LEU A 125 -2.97 -1.15 0.13
C LEU A 125 -3.21 -1.27 -1.38
N SER A 126 -2.16 -1.03 -2.22
CA SER A 126 -2.26 -1.12 -3.68
C SER A 126 -1.66 -2.42 -4.21
N SER A 127 -0.34 -2.57 -4.11
CA SER A 127 0.36 -3.72 -4.66
C SER A 127 0.16 -5.04 -3.89
N ASP A 128 0.29 -5.04 -2.54
CA ASP A 128 0.19 -6.27 -1.75
C ASP A 128 -1.23 -6.82 -1.70
N THR A 129 -2.26 -5.95 -1.79
CA THR A 129 -3.67 -6.38 -1.86
C THR A 129 -3.91 -7.03 -3.23
N ALA A 130 -3.20 -6.55 -4.28
CA ALA A 130 -3.29 -7.06 -5.64
C ALA A 130 -2.64 -8.44 -5.73
N LEU A 131 -1.39 -8.58 -5.20
CA LEU A 131 -0.64 -9.84 -5.16
C LEU A 131 -1.44 -10.92 -4.49
N LEU A 132 -1.83 -10.68 -3.21
CA LEU A 132 -2.56 -11.63 -2.40
C LEU A 132 -3.83 -12.13 -3.10
N GLY A 133 -4.59 -11.22 -3.71
CA GLY A 133 -5.81 -11.53 -4.45
C GLY A 133 -5.57 -12.48 -5.62
N ARG A 134 -4.59 -12.17 -6.49
CA ARG A 134 -4.29 -13.01 -7.65
C ARG A 134 -3.46 -14.26 -7.27
N SER A 135 -2.86 -14.31 -6.06
CA SER A 135 -2.08 -15.47 -5.59
C SER A 135 -3.00 -16.67 -5.29
N VAL A 136 -4.14 -16.42 -4.63
CA VAL A 136 -5.13 -17.44 -4.28
C VAL A 136 -6.12 -17.65 -5.42
N THR A 137 -5.91 -16.98 -6.57
CA THR A 137 -6.83 -17.15 -7.70
C THR A 137 -6.04 -17.48 -9.00
N GLU A 138 -5.77 -16.47 -9.85
CA GLU A 138 -5.12 -16.62 -11.14
C GLU A 138 -3.84 -17.48 -11.05
N ASN A 139 -2.95 -17.18 -10.10
CA ASN A 139 -1.70 -17.92 -9.86
C ASN A 139 -1.98 -19.39 -9.42
N LEU A 140 -2.92 -19.59 -8.47
CA LEU A 140 -3.34 -20.90 -7.97
C LEU A 140 -3.83 -21.77 -9.12
N SER A 141 -4.65 -21.20 -10.05
CA SER A 141 -5.12 -21.92 -11.26
C SER A 141 -3.97 -22.16 -12.25
N ASP A 142 -3.05 -21.17 -12.38
CA ASP A 142 -1.89 -21.23 -13.27
C ASP A 142 -0.98 -22.43 -12.89
N GLY A 143 -0.69 -22.56 -11.59
CA GLY A 143 0.12 -23.64 -11.04
C GLY A 143 -0.61 -24.96 -10.97
N LEU A 144 -1.94 -24.91 -10.81
CA LEU A 144 -2.80 -26.09 -10.78
C LEU A 144 -2.90 -26.75 -12.17
N ARG A 145 -3.01 -25.92 -13.24
CA ARG A 145 -3.02 -26.40 -14.63
C ARG A 145 -1.62 -26.94 -14.97
N ALA A 146 -0.55 -26.14 -14.78
CA ALA A 146 0.82 -26.54 -15.06
C ALA A 146 1.23 -27.80 -14.28
N GLY A 147 0.73 -27.94 -13.06
CA GLY A 147 1.01 -29.10 -12.22
C GLY A 147 0.32 -30.34 -12.72
N ALA A 148 -0.92 -30.20 -13.20
CA ALA A 148 -1.72 -31.29 -13.74
C ALA A 148 -1.25 -31.66 -15.14
N GLN A 149 -0.75 -30.68 -15.91
CA GLN A 149 -0.29 -30.89 -17.27
C GLN A 149 1.08 -31.60 -17.31
N ALA A 150 1.98 -31.33 -16.35
CA ALA A 150 3.26 -32.06 -16.26
C ALA A 150 2.95 -33.51 -15.86
N SER A 151 2.03 -33.69 -14.88
CA SER A 151 1.53 -34.98 -14.39
C SER A 151 1.05 -35.86 -15.54
N VAL A 152 0.10 -35.35 -16.36
CA VAL A 152 -0.47 -36.06 -17.52
C VAL A 152 0.62 -36.20 -18.61
N GLY A 153 1.43 -35.14 -18.82
CA GLY A 153 2.54 -35.12 -19.78
C GLY A 153 3.59 -36.20 -19.58
N ILE A 154 4.19 -36.28 -18.35
CA ILE A 154 5.20 -37.27 -17.94
C ILE A 154 4.60 -38.66 -18.05
N SER A 155 3.35 -38.84 -17.60
CA SER A 155 2.63 -40.11 -17.69
C SER A 155 2.54 -40.57 -19.15
N MET A 156 2.17 -39.65 -20.07
CA MET A 156 2.03 -39.89 -21.51
C MET A 156 3.39 -40.10 -22.21
N MET A 157 4.49 -39.67 -21.60
CA MET A 157 5.82 -39.87 -22.16
C MET A 157 6.24 -41.33 -21.94
N PHE A 158 5.94 -41.85 -20.74
CA PHE A 158 6.19 -43.25 -20.36
C PHE A 158 5.20 -44.15 -21.09
N PHE A 159 3.95 -43.66 -21.33
CA PHE A 159 2.97 -44.47 -22.04
C PHE A 159 3.47 -44.69 -23.45
N VAL A 160 3.79 -43.60 -24.16
CA VAL A 160 4.30 -43.63 -25.53
C VAL A 160 5.64 -44.39 -25.62
N SER A 161 6.64 -44.11 -24.76
CA SER A 161 7.91 -44.83 -24.85
C SER A 161 8.66 -44.86 -23.53
N PRO A 162 8.58 -45.98 -22.76
CA PRO A 162 9.32 -46.04 -21.48
C PRO A 162 10.83 -45.90 -21.62
N ASN A 163 11.43 -46.40 -22.72
CA ASN A 163 12.86 -46.28 -23.00
C ASN A 163 13.27 -44.81 -23.12
N LEU A 164 12.58 -44.07 -24.02
CA LEU A 164 12.86 -42.66 -24.27
C LEU A 164 12.55 -41.77 -23.08
N ALA A 165 11.43 -42.06 -22.34
CA ALA A 165 11.05 -41.28 -21.16
C ALA A 165 12.10 -41.47 -20.06
N THR A 166 12.53 -42.74 -19.79
CA THR A 166 13.59 -43.07 -18.82
C THR A 166 14.93 -42.37 -19.20
N PHE A 167 15.20 -42.30 -20.51
CA PHE A 167 16.37 -41.63 -21.03
C PHE A 167 16.29 -40.12 -20.69
N VAL A 168 15.16 -39.44 -21.05
CA VAL A 168 14.92 -38.00 -20.79
C VAL A 168 15.15 -37.78 -19.29
N LEU A 169 14.54 -38.64 -18.46
CA LEU A 169 14.60 -38.63 -16.99
C LEU A 169 16.03 -38.81 -16.43
N SER A 170 16.93 -39.48 -17.15
CA SER A 170 18.30 -39.69 -16.69
C SER A 170 19.24 -38.52 -17.06
N VAL A 171 18.83 -37.69 -18.03
CA VAL A 171 19.62 -36.61 -18.62
C VAL A 171 19.22 -35.25 -18.06
N VAL A 172 17.91 -34.94 -18.04
CA VAL A 172 17.38 -33.65 -17.58
C VAL A 172 17.82 -33.33 -16.11
N PRO A 173 17.50 -34.12 -15.05
CA PRO A 173 17.95 -33.76 -13.68
C PRO A 173 19.46 -33.44 -13.54
N PRO A 174 20.47 -34.28 -13.94
CA PRO A 174 21.89 -33.86 -13.78
C PRO A 174 22.16 -32.47 -14.36
N VAL A 175 21.83 -32.26 -15.66
CA VAL A 175 21.94 -31.01 -16.42
C VAL A 175 21.25 -29.86 -15.65
N SER A 176 19.99 -30.08 -15.21
CA SER A 176 19.20 -29.11 -14.44
C SER A 176 19.91 -28.74 -13.15
N ILE A 177 20.42 -29.76 -12.40
CA ILE A 177 21.13 -29.56 -11.14
C ILE A 177 22.34 -28.66 -11.39
N ILE A 178 23.27 -29.02 -12.32
CA ILE A 178 24.45 -28.20 -12.69
C ILE A 178 24.04 -26.74 -13.04
N ALA A 179 22.95 -26.55 -13.82
CA ALA A 179 22.40 -25.24 -14.22
C ALA A 179 21.89 -24.43 -13.02
N VAL A 180 21.34 -25.11 -12.01
CA VAL A 180 20.85 -24.46 -10.78
C VAL A 180 22.06 -23.85 -10.01
N ILE A 181 23.17 -24.61 -9.88
CA ILE A 181 24.42 -24.24 -9.24
C ILE A 181 25.01 -23.00 -9.95
N TYR A 182 25.09 -22.99 -11.31
CA TYR A 182 25.56 -21.87 -12.14
C TYR A 182 24.62 -20.67 -11.96
N GLY A 183 23.32 -20.96 -11.78
CA GLY A 183 22.29 -19.96 -11.52
C GLY A 183 22.45 -19.31 -10.17
N ARG A 184 22.95 -20.08 -9.16
CA ARG A 184 23.25 -19.59 -7.81
C ARG A 184 24.51 -18.70 -7.84
N TYR A 185 25.49 -19.03 -8.71
CA TYR A 185 26.71 -18.24 -8.89
C TYR A 185 26.37 -16.93 -9.60
N LEU A 186 25.46 -16.98 -10.58
CA LEU A 186 25.02 -15.84 -11.36
C LEU A 186 24.26 -14.85 -10.46
N ARG A 187 23.41 -15.38 -9.55
CA ARG A 187 22.64 -14.58 -8.59
C ARG A 187 23.57 -13.79 -7.66
N LYS A 188 24.73 -14.39 -7.29
CA LYS A 188 25.77 -13.80 -6.44
C LYS A 188 26.36 -12.58 -7.09
N LEU A 189 26.90 -12.73 -8.32
CA LEU A 189 27.51 -11.63 -9.08
C LEU A 189 26.51 -10.48 -9.36
N THR A 190 25.20 -10.80 -9.41
CA THR A 190 24.08 -9.89 -9.66
C THR A 190 23.79 -9.07 -8.41
N LYS A 191 23.77 -9.70 -7.21
CA LYS A 191 23.52 -8.99 -5.96
C LYS A 191 24.68 -8.06 -5.65
N VAL A 192 25.92 -8.47 -5.97
CA VAL A 192 27.11 -7.64 -5.78
C VAL A 192 26.90 -6.32 -6.56
N THR A 193 26.68 -6.42 -7.88
CA THR A 193 26.47 -5.29 -8.78
C THR A 193 25.29 -4.42 -8.28
N GLN A 194 24.14 -5.03 -7.97
CA GLN A 194 22.95 -4.29 -7.54
C GLN A 194 23.04 -3.69 -6.11
N ASP A 195 23.95 -4.21 -5.24
CA ASP A 195 24.22 -3.65 -3.91
C ASP A 195 25.06 -2.38 -4.06
N SER A 196 26.03 -2.43 -5.00
CA SER A 196 26.95 -1.35 -5.36
C SER A 196 26.14 -0.23 -6.01
N LEU A 197 25.16 -0.60 -6.85
CA LEU A 197 24.28 0.35 -7.53
C LEU A 197 23.33 0.99 -6.52
N ALA A 198 22.89 0.24 -5.49
CA ALA A 198 22.03 0.78 -4.45
C ALA A 198 22.78 1.87 -3.69
N GLN A 199 24.06 1.62 -3.33
CA GLN A 199 24.93 2.55 -2.63
C GLN A 199 25.09 3.82 -3.45
N ALA A 200 25.40 3.69 -4.76
CA ALA A 200 25.56 4.80 -5.70
C ALA A 200 24.31 5.66 -5.77
N THR A 201 23.11 5.02 -5.75
CA THR A 201 21.79 5.67 -5.81
C THR A 201 21.50 6.37 -4.49
N GLN A 202 21.90 5.75 -3.35
CA GLN A 202 21.69 6.33 -2.02
C GLN A 202 22.52 7.58 -1.88
N LEU A 203 23.79 7.53 -2.35
CA LEU A 203 24.69 8.68 -2.38
C LEU A 203 24.03 9.80 -3.16
N ALA A 204 23.62 9.50 -4.41
CA ALA A 204 22.92 10.40 -5.32
C ALA A 204 21.66 11.01 -4.67
N GLU A 205 20.75 10.14 -4.18
CA GLU A 205 19.48 10.52 -3.54
C GLU A 205 19.69 11.50 -2.38
N GLU A 206 20.64 11.17 -1.48
CA GLU A 206 21.03 11.94 -0.29
C GLU A 206 21.51 13.35 -0.67
N ARG A 207 22.48 13.44 -1.63
CA ARG A 207 23.06 14.69 -2.11
C ARG A 207 22.02 15.58 -2.82
N ILE A 208 21.14 15.00 -3.66
CA ILE A 208 20.06 15.74 -4.33
C ILE A 208 19.07 16.27 -3.28
N GLY A 209 18.74 15.42 -2.32
CA GLY A 209 17.83 15.75 -1.24
C GLY A 209 18.36 16.89 -0.40
N ASN A 210 19.69 16.99 -0.27
CA ASN A 210 20.34 18.02 0.54
C ASN A 210 21.34 18.83 -0.29
N VAL A 211 20.91 19.29 -1.47
CA VAL A 211 21.74 20.07 -2.39
C VAL A 211 22.08 21.45 -1.74
N ARG A 212 21.24 21.91 -0.79
CA ARG A 212 21.45 23.14 -0.03
C ARG A 212 22.79 23.08 0.73
N THR A 213 23.10 21.93 1.40
CA THR A 213 24.35 21.70 2.15
C THR A 213 25.50 21.45 1.19
N VAL A 214 25.26 20.77 0.05
CA VAL A 214 26.33 20.50 -0.91
C VAL A 214 26.79 21.87 -1.50
N ARG A 215 25.85 22.72 -2.02
CA ARG A 215 26.14 24.08 -2.52
C ARG A 215 26.99 24.87 -1.54
N ALA A 216 26.45 25.04 -0.30
CA ALA A 216 26.99 25.77 0.85
C ALA A 216 28.47 25.45 1.13
N PHE A 217 28.95 24.27 0.73
CA PHE A 217 30.35 23.85 0.92
C PHE A 217 31.14 23.75 -0.41
N GLY A 218 30.50 24.14 -1.53
CA GLY A 218 31.07 24.12 -2.88
C GLY A 218 31.50 22.74 -3.31
N LYS A 219 30.75 21.70 -2.88
CA LYS A 219 31.07 20.29 -3.08
C LYS A 219 30.27 19.65 -4.23
N GLU A 220 29.60 20.45 -5.06
CA GLU A 220 28.87 19.91 -6.21
C GLU A 220 29.81 19.13 -7.10
N MET A 221 30.96 19.71 -7.51
CA MET A 221 31.90 19.01 -8.39
C MET A 221 32.51 17.79 -7.71
N THR A 222 32.67 17.84 -6.37
CA THR A 222 33.24 16.76 -5.55
C THR A 222 32.30 15.54 -5.53
N GLU A 223 30.98 15.76 -5.36
CA GLU A 223 29.96 14.73 -5.31
C GLU A 223 29.73 14.11 -6.70
N ILE A 224 29.66 14.96 -7.77
CA ILE A 224 29.55 14.54 -9.17
C ILE A 224 30.66 13.52 -9.50
N GLU A 225 31.92 13.82 -9.10
CA GLU A 225 33.11 12.98 -9.30
C GLU A 225 33.07 11.74 -8.42
N LYS A 226 32.55 11.86 -7.19
CA LYS A 226 32.42 10.76 -6.21
C LYS A 226 31.44 9.73 -6.77
N TYR A 227 30.26 10.22 -7.30
CA TYR A 227 29.21 9.40 -7.92
C TYR A 227 29.74 8.71 -9.18
N ALA A 228 30.37 9.48 -10.09
CA ALA A 228 30.93 8.96 -11.33
C ALA A 228 31.88 7.79 -11.02
N SER A 229 32.69 7.91 -9.94
CA SER A 229 33.63 6.87 -9.49
C SER A 229 32.90 5.60 -9.08
N LYS A 230 31.76 5.76 -8.37
CA LYS A 230 30.93 4.66 -7.87
C LYS A 230 30.28 3.89 -9.01
N VAL A 231 29.59 4.60 -9.94
CA VAL A 231 28.89 4.01 -11.08
C VAL A 231 29.87 3.48 -12.16
N ASP A 232 31.15 3.94 -12.15
CA ASP A 232 32.21 3.43 -13.05
C ASP A 232 32.61 2.04 -12.58
N HIS A 233 32.59 1.84 -11.23
CA HIS A 233 32.90 0.61 -10.55
C HIS A 233 31.75 -0.37 -10.71
N VAL A 234 30.49 0.10 -10.68
CA VAL A 234 29.30 -0.75 -10.90
C VAL A 234 29.46 -1.41 -12.30
N MET A 235 29.84 -0.60 -13.32
CA MET A 235 30.13 -1.01 -14.70
C MET A 235 31.13 -2.16 -14.73
N GLN A 236 32.17 -2.07 -13.88
CA GLN A 236 33.21 -3.08 -13.75
C GLN A 236 32.61 -4.40 -13.22
N LEU A 237 31.71 -4.30 -12.23
CA LEU A 237 31.02 -5.46 -11.65
C LEU A 237 30.01 -6.06 -12.61
N ALA A 238 29.30 -5.17 -13.36
CA ALA A 238 28.29 -5.53 -14.34
C ALA A 238 28.92 -6.21 -15.54
N ARG A 239 30.16 -5.84 -15.93
CA ARG A 239 30.91 -6.47 -17.02
C ARG A 239 31.28 -7.91 -16.63
N LYS A 240 31.66 -8.14 -15.37
CA LYS A 240 32.00 -9.45 -14.83
C LYS A 240 30.73 -10.31 -14.78
N GLU A 241 29.62 -9.73 -14.29
CA GLU A 241 28.29 -10.36 -14.22
C GLU A 241 27.76 -10.69 -15.62
N ALA A 242 28.18 -9.88 -16.63
CA ALA A 242 27.79 -10.02 -18.03
C ALA A 242 28.52 -11.16 -18.71
N PHE A 243 29.76 -11.44 -18.28
CA PHE A 243 30.58 -12.52 -18.81
C PHE A 243 30.03 -13.88 -18.32
N ALA A 244 29.63 -13.93 -17.03
CA ALA A 244 29.07 -15.13 -16.40
C ALA A 244 27.68 -15.45 -16.92
N ARG A 245 26.91 -14.41 -17.32
CA ARG A 245 25.56 -14.57 -17.86
C ARG A 245 25.64 -15.04 -19.30
N ALA A 246 26.68 -14.61 -20.03
CA ALA A 246 26.92 -15.02 -21.43
C ALA A 246 27.24 -16.51 -21.47
N GLY A 247 28.17 -16.92 -20.59
CA GLY A 247 28.59 -18.31 -20.43
C GLY A 247 27.43 -19.22 -20.06
N PHE A 248 26.59 -18.79 -19.13
CA PHE A 248 25.42 -19.52 -18.66
C PHE A 248 24.40 -19.73 -19.78
N PHE A 249 23.91 -18.63 -20.41
CA PHE A 249 22.92 -18.63 -21.50
C PHE A 249 23.36 -19.53 -22.65
N GLY A 250 24.65 -19.46 -23.00
CA GLY A 250 25.28 -20.29 -24.02
C GLY A 250 25.27 -21.76 -23.64
N ALA A 251 25.57 -22.07 -22.37
CA ALA A 251 25.58 -23.45 -21.84
C ALA A 251 24.16 -24.03 -21.72
N THR A 252 23.20 -23.19 -21.34
CA THR A 252 21.78 -23.49 -21.16
C THR A 252 21.17 -23.87 -22.51
N GLY A 253 21.48 -23.06 -23.54
CA GLY A 253 21.02 -23.24 -24.91
C GLY A 253 21.56 -24.51 -25.50
N LEU A 254 22.89 -24.74 -25.36
CA LEU A 254 23.59 -25.92 -25.84
C LEU A 254 22.98 -27.18 -25.23
N SER A 255 22.83 -27.23 -23.89
CA SER A 255 22.23 -28.34 -23.14
C SER A 255 20.84 -28.65 -23.67
N GLY A 256 20.04 -27.59 -23.80
CA GLY A 256 18.68 -27.64 -24.28
C GLY A 256 18.58 -28.26 -25.66
N ASN A 257 19.42 -27.77 -26.60
CA ASN A 257 19.47 -28.26 -27.98
C ASN A 257 19.95 -29.71 -28.08
N LEU A 258 21.05 -30.03 -27.34
CA LEU A 258 21.66 -31.36 -27.33
C LEU A 258 20.76 -32.40 -26.70
N ILE A 259 19.89 -32.01 -25.76
CA ILE A 259 18.92 -32.93 -25.12
C ILE A 259 17.86 -33.32 -26.16
N VAL A 260 17.40 -32.34 -26.97
CA VAL A 260 16.41 -32.55 -28.05
C VAL A 260 17.05 -33.40 -29.18
N LEU A 261 18.32 -33.15 -29.48
CA LEU A 261 19.10 -33.87 -30.49
C LEU A 261 19.30 -35.32 -30.07
N SER A 262 19.46 -35.57 -28.75
CA SER A 262 19.59 -36.89 -28.13
C SER A 262 18.31 -37.71 -28.30
N VAL A 263 17.14 -37.09 -27.99
CA VAL A 263 15.83 -37.71 -28.09
C VAL A 263 15.48 -37.93 -29.60
N LEU A 264 15.84 -36.98 -30.50
CA LEU A 264 15.61 -37.15 -31.95
C LEU A 264 16.45 -38.32 -32.48
N TYR A 265 17.71 -38.42 -32.04
CA TYR A 265 18.63 -39.48 -32.39
C TYR A 265 18.17 -40.83 -31.82
N LYS A 266 18.01 -40.94 -30.48
CA LYS A 266 17.58 -42.17 -29.82
C LYS A 266 16.23 -42.64 -30.36
N GLY A 267 15.27 -41.71 -30.52
CA GLY A 267 13.93 -41.98 -31.07
C GLY A 267 13.98 -42.41 -32.53
N GLY A 268 14.87 -41.75 -33.27
CA GLY A 268 15.15 -42.07 -34.66
C GLY A 268 15.68 -43.47 -34.83
N LEU A 269 16.58 -43.92 -33.94
CA LEU A 269 17.14 -45.27 -33.94
C LEU A 269 16.09 -46.32 -33.60
N LEU A 270 15.22 -46.01 -32.61
CA LEU A 270 14.16 -46.90 -32.15
C LEU A 270 13.15 -47.12 -33.27
N MET A 271 12.86 -46.07 -34.08
CA MET A 271 12.01 -46.10 -35.27
C MET A 271 12.58 -47.08 -36.32
N GLY A 272 13.88 -46.96 -36.58
CA GLY A 272 14.60 -47.81 -37.52
C GLY A 272 14.61 -49.28 -37.13
N SER A 273 14.46 -49.58 -35.82
CA SER A 273 14.43 -50.93 -35.24
C SER A 273 12.99 -51.45 -35.06
N ALA A 274 11.97 -50.70 -35.56
CA ALA A 274 10.54 -50.96 -35.45
C ALA A 274 10.05 -50.95 -33.97
N HIS A 275 10.70 -50.15 -33.10
CA HIS A 275 10.27 -50.00 -31.70
C HIS A 275 9.23 -48.91 -31.59
N MET A 276 9.20 -48.04 -32.61
CA MET A 276 8.31 -46.90 -32.73
C MET A 276 7.96 -46.54 -34.17
N THR A 277 6.84 -45.81 -34.30
CA THR A 277 6.36 -45.22 -35.55
C THR A 277 6.70 -43.71 -35.50
N VAL A 278 6.62 -43.01 -36.65
CA VAL A 278 6.91 -41.57 -36.75
C VAL A 278 5.86 -40.82 -35.94
N GLY A 279 4.60 -41.26 -36.01
CA GLY A 279 3.50 -40.68 -35.26
C GLY A 279 3.77 -40.72 -33.77
N GLU A 280 4.06 -41.95 -33.26
CA GLU A 280 4.43 -42.23 -31.86
C GLU A 280 5.61 -41.36 -31.41
N LEU A 281 6.60 -41.08 -32.30
CA LEU A 281 7.70 -40.19 -31.93
C LEU A 281 7.20 -38.74 -31.88
N SER A 282 6.45 -38.29 -32.91
CA SER A 282 5.89 -36.93 -32.96
C SER A 282 5.16 -36.63 -31.65
N SER A 283 4.29 -37.60 -31.25
CA SER A 283 3.48 -37.65 -30.05
C SER A 283 4.35 -37.45 -28.81
N PHE A 284 5.44 -38.25 -28.65
CA PHE A 284 6.38 -38.20 -27.52
C PHE A 284 7.03 -36.80 -27.39
N LEU A 285 7.59 -36.26 -28.49
CA LEU A 285 8.25 -34.95 -28.50
C LEU A 285 7.29 -33.82 -28.14
N MET A 286 6.02 -33.92 -28.56
CA MET A 286 4.99 -32.93 -28.23
C MET A 286 4.72 -32.92 -26.72
N TYR A 287 4.64 -34.13 -26.10
CA TYR A 287 4.46 -34.26 -24.66
C TYR A 287 5.68 -33.77 -23.91
N ALA A 288 6.90 -34.06 -24.41
CA ALA A 288 8.15 -33.62 -23.77
C ALA A 288 8.27 -32.10 -23.80
N PHE A 289 7.82 -31.48 -24.89
CA PHE A 289 7.78 -30.03 -25.04
C PHE A 289 6.72 -29.45 -24.06
N TRP A 290 5.53 -30.09 -23.98
CA TRP A 290 4.44 -29.71 -23.08
C TRP A 290 4.88 -29.80 -21.61
N VAL A 291 5.72 -30.79 -21.25
CA VAL A 291 6.23 -30.99 -19.88
C VAL A 291 7.18 -29.83 -19.55
N GLY A 292 8.09 -29.47 -20.47
CA GLY A 292 9.02 -28.35 -20.30
C GLY A 292 8.32 -27.05 -19.95
N ILE A 293 7.23 -26.74 -20.68
CA ILE A 293 6.38 -25.56 -20.47
C ILE A 293 5.70 -25.65 -19.09
N SER A 294 5.19 -26.85 -18.73
CA SER A 294 4.54 -27.13 -17.45
C SER A 294 5.49 -26.96 -16.26
N ILE A 295 6.79 -27.25 -16.45
CA ILE A 295 7.81 -27.09 -15.41
C ILE A 295 8.13 -25.59 -15.25
N GLY A 296 8.14 -24.85 -16.37
CA GLY A 296 8.32 -23.40 -16.38
C GLY A 296 7.12 -22.73 -15.73
N GLY A 297 5.94 -23.35 -15.90
CA GLY A 297 4.69 -22.91 -15.33
C GLY A 297 4.64 -23.06 -13.82
N LEU A 298 5.12 -24.21 -13.29
CA LEU A 298 5.24 -24.51 -11.86
C LEU A 298 6.32 -23.64 -11.20
N SER A 299 7.40 -23.32 -11.97
CA SER A 299 8.51 -22.48 -11.58
C SER A 299 8.02 -21.06 -11.31
N SER A 300 7.25 -20.45 -12.25
CA SER A 300 6.69 -19.10 -12.11
C SER A 300 5.70 -19.06 -10.96
N PHE A 301 4.76 -20.04 -10.93
CA PHE A 301 3.74 -20.21 -9.90
C PHE A 301 4.39 -20.17 -8.49
N TYR A 302 5.56 -20.81 -8.33
CA TYR A 302 6.28 -20.81 -7.05
C TYR A 302 6.76 -19.40 -6.72
N SER A 303 7.44 -18.73 -7.67
CA SER A 303 7.93 -17.36 -7.53
C SER A 303 6.80 -16.38 -7.20
N GLU A 304 5.60 -16.61 -7.76
CA GLU A 304 4.45 -15.77 -7.49
C GLU A 304 3.81 -16.15 -6.15
N LEU A 305 3.75 -17.46 -5.80
CA LEU A 305 3.22 -17.93 -4.50
C LEU A 305 4.07 -17.37 -3.36
N MET A 306 5.40 -17.31 -3.54
CA MET A 306 6.32 -16.74 -2.56
C MET A 306 6.05 -15.25 -2.39
N LYS A 307 5.92 -14.52 -3.52
CA LYS A 307 5.61 -13.08 -3.56
C LYS A 307 4.31 -12.77 -2.80
N GLY A 308 3.25 -13.53 -3.09
CA GLY A 308 1.96 -13.41 -2.41
C GLY A 308 2.00 -13.78 -0.94
N LEU A 309 2.99 -14.59 -0.54
CA LEU A 309 3.15 -14.99 0.85
C LEU A 309 3.88 -13.88 1.62
N GLY A 310 4.83 -13.22 0.95
CA GLY A 310 5.56 -12.09 1.48
C GLY A 310 4.63 -10.92 1.67
N ALA A 311 3.69 -10.76 0.72
CA ALA A 311 2.62 -9.76 0.73
C ALA A 311 1.62 -10.09 1.83
N GLY A 312 1.32 -11.38 2.01
CA GLY A 312 0.40 -11.87 3.02
C GLY A 312 0.86 -11.59 4.45
N GLY A 313 2.17 -11.66 4.68
CA GLY A 313 2.80 -11.39 5.97
C GLY A 313 2.74 -9.93 6.34
N ARG A 314 2.92 -9.05 5.34
CA ARG A 314 2.86 -7.59 5.45
C ARG A 314 1.44 -7.07 5.72
N LEU A 315 0.42 -7.80 5.23
CA LEU A 315 -0.97 -7.41 5.36
C LEU A 315 -1.55 -7.88 6.68
N TRP A 316 -1.27 -9.13 7.09
CA TRP A 316 -1.77 -9.70 8.35
C TRP A 316 -1.07 -9.06 9.56
N GLU A 317 0.01 -8.31 9.29
CA GLU A 317 0.76 -7.54 10.26
C GLU A 317 -0.12 -6.38 10.74
N LEU A 318 -0.61 -5.58 9.77
CA LEU A 318 -1.48 -4.41 9.99
C LEU A 318 -2.92 -4.82 10.26
N LEU A 319 -3.38 -5.94 9.67
CA LEU A 319 -4.76 -6.43 9.85
C LEU A 319 -5.01 -6.92 11.28
N GLU A 320 -3.94 -7.32 11.98
CA GLU A 320 -4.07 -7.84 13.33
C GLU A 320 -3.36 -6.96 14.38
N ARG A 321 -2.85 -5.77 13.97
CA ARG A 321 -2.23 -4.80 14.88
C ARG A 321 -3.33 -4.12 15.70
N GLU A 322 -3.18 -4.20 17.04
CA GLU A 322 -4.06 -3.64 18.05
C GLU A 322 -3.55 -2.23 18.37
N PRO A 323 -4.31 -1.15 18.04
CA PRO A 323 -3.81 0.21 18.32
C PRO A 323 -3.42 0.36 19.79
N LYS A 324 -2.23 0.93 20.04
CA LYS A 324 -1.65 1.12 21.37
C LYS A 324 -2.41 2.20 22.19
N LEU A 325 -3.44 2.81 21.57
CA LEU A 325 -4.33 3.80 22.17
C LEU A 325 -5.76 3.46 21.75
N PRO A 326 -6.75 3.56 22.68
CA PRO A 326 -8.15 3.22 22.32
C PRO A 326 -8.68 3.98 21.10
N PHE A 327 -9.50 3.31 20.28
CA PHE A 327 -10.09 3.93 19.10
C PHE A 327 -11.44 4.57 19.44
N ASN A 328 -12.42 3.76 19.86
CA ASN A 328 -13.73 4.32 20.17
C ASN A 328 -14.27 3.80 21.52
N GLU A 329 -13.39 3.47 22.49
CA GLU A 329 -13.88 2.96 23.77
C GLU A 329 -13.67 3.97 24.92
N GLY A 330 -14.57 3.92 25.90
CA GLY A 330 -14.54 4.78 27.08
C GLY A 330 -15.90 5.39 27.38
N VAL A 331 -15.97 6.21 28.45
CA VAL A 331 -17.20 6.88 28.89
C VAL A 331 -17.40 8.30 28.26
N ILE A 332 -18.64 8.77 28.30
CA ILE A 332 -19.11 10.06 27.79
C ILE A 332 -19.65 10.78 29.03
N LEU A 333 -19.46 12.09 29.14
CA LEU A 333 -19.94 12.84 30.31
C LEU A 333 -21.36 13.40 30.11
N ASN A 334 -22.13 13.51 31.23
CA ASN A 334 -23.47 14.12 31.30
C ASN A 334 -23.43 15.59 30.91
N GLU A 335 -24.58 16.13 30.45
CA GLU A 335 -24.76 17.55 30.06
C GLU A 335 -24.41 18.47 31.22
N LYS A 336 -24.82 18.09 32.45
CA LYS A 336 -24.57 18.83 33.68
C LYS A 336 -23.11 18.66 34.13
N SER A 337 -22.54 17.47 33.93
CA SER A 337 -21.18 17.17 34.35
C SER A 337 -20.10 17.79 33.43
N PHE A 338 -20.41 18.02 32.15
CA PHE A 338 -19.47 18.61 31.21
C PHE A 338 -19.59 20.12 31.22
N GLN A 339 -18.48 20.80 31.58
CA GLN A 339 -18.38 22.25 31.71
C GLN A 339 -17.26 22.83 30.83
N GLY A 340 -16.28 22.00 30.46
CA GLY A 340 -15.17 22.43 29.61
C GLY A 340 -13.90 22.87 30.33
N ALA A 341 -13.77 22.52 31.62
CA ALA A 341 -12.58 22.87 32.40
C ALA A 341 -11.49 21.80 32.21
N LEU A 342 -10.27 22.25 31.89
CA LEU A 342 -9.15 21.34 31.62
C LEU A 342 -7.98 21.50 32.60
N GLU A 343 -7.22 20.41 32.85
CA GLU A 343 -6.09 20.43 33.77
C GLU A 343 -4.95 19.50 33.38
N PHE A 344 -3.74 20.05 33.33
CA PHE A 344 -2.51 19.29 33.17
C PHE A 344 -1.90 19.15 34.55
N LYS A 345 -1.51 17.95 34.94
CA LYS A 345 -0.90 17.74 36.25
C LYS A 345 0.32 16.86 36.09
N ASN A 346 1.51 17.46 36.29
CA ASN A 346 2.83 16.83 36.27
C ASN A 346 3.07 16.02 34.99
N VAL A 347 2.74 16.63 33.85
CA VAL A 347 2.86 15.95 32.55
C VAL A 347 4.36 15.86 32.13
N HIS A 348 4.81 14.65 31.82
CA HIS A 348 6.14 14.34 31.29
C HIS A 348 5.91 13.66 29.95
N PHE A 349 6.41 14.26 28.87
CA PHE A 349 6.19 13.70 27.54
C PHE A 349 7.35 14.00 26.60
N ALA A 350 7.71 12.99 25.81
CA ALA A 350 8.70 13.00 24.72
C ALA A 350 8.07 12.30 23.54
N TYR A 351 8.09 12.92 22.35
CA TYR A 351 7.49 12.34 21.13
C TYR A 351 8.03 10.92 20.81
N PRO A 352 7.22 10.01 20.23
CA PRO A 352 7.69 8.63 19.99
C PRO A 352 8.88 8.52 19.02
N ALA A 353 8.92 9.33 17.94
CA ALA A 353 10.02 9.32 16.96
C ALA A 353 11.37 9.73 17.61
N ARG A 354 11.35 10.68 18.57
CA ARG A 354 12.53 11.14 19.31
C ARG A 354 12.25 11.02 20.83
N PRO A 355 12.23 9.78 21.40
CA PRO A 355 11.94 9.63 22.84
C PRO A 355 13.02 10.14 23.78
N GLU A 356 14.17 10.55 23.21
CA GLU A 356 15.30 11.07 23.94
C GLU A 356 15.15 12.56 24.22
N VAL A 357 14.26 13.24 23.47
CA VAL A 357 14.05 14.70 23.62
C VAL A 357 12.77 14.97 24.44
N PRO A 358 12.88 15.41 25.72
CA PRO A 358 11.65 15.69 26.49
C PRO A 358 11.07 17.05 26.08
N ILE A 359 9.75 17.04 25.83
CA ILE A 359 8.96 18.21 25.44
C ILE A 359 8.38 18.82 26.72
N PHE A 360 7.78 17.99 27.57
CA PHE A 360 7.23 18.40 28.86
C PHE A 360 7.96 17.67 29.94
N GLN A 361 8.40 18.42 30.94
CA GLN A 361 9.09 17.90 32.12
C GLN A 361 8.42 18.55 33.32
N ASP A 362 7.39 17.86 33.86
CA ASP A 362 6.52 18.28 34.97
C ASP A 362 5.70 19.52 34.54
N PHE A 363 4.94 19.35 33.44
CA PHE A 363 4.05 20.37 32.91
C PHE A 363 2.71 20.32 33.63
N SER A 364 2.33 21.42 34.27
CA SER A 364 1.06 21.59 34.99
C SER A 364 0.43 22.90 34.57
N LEU A 365 -0.81 22.85 34.12
CA LEU A 365 -1.55 24.04 33.66
C LEU A 365 -3.05 23.82 33.85
N SER A 366 -3.71 24.77 34.51
CA SER A 366 -5.15 24.71 34.74
C SER A 366 -5.85 25.73 33.86
N ILE A 367 -6.55 25.25 32.81
CA ILE A 367 -7.33 26.07 31.89
C ILE A 367 -8.79 26.06 32.42
N PRO A 368 -9.30 27.12 33.09
CA PRO A 368 -10.68 27.05 33.63
C PRO A 368 -11.75 27.35 32.59
N SER A 369 -12.92 26.69 32.77
CA SER A 369 -14.12 26.79 31.94
C SER A 369 -14.49 28.24 31.62
N GLY A 370 -14.72 28.51 30.34
CA GLY A 370 -15.12 29.80 29.79
C GLY A 370 -14.06 30.90 29.75
N SER A 371 -12.83 30.58 30.16
CA SER A 371 -11.77 31.58 30.20
C SER A 371 -10.72 31.33 29.14
N VAL A 372 -10.20 32.44 28.57
CA VAL A 372 -9.13 32.43 27.57
C VAL A 372 -7.79 32.32 28.33
N THR A 373 -6.93 31.37 27.91
CA THR A 373 -5.60 31.17 28.47
C THR A 373 -4.61 31.23 27.30
N ALA A 374 -3.63 32.14 27.37
CA ALA A 374 -2.66 32.35 26.29
C ALA A 374 -1.32 31.69 26.58
N LEU A 375 -0.95 30.71 25.75
CA LEU A 375 0.32 30.02 25.90
C LEU A 375 1.41 30.79 25.18
N VAL A 376 2.49 31.10 25.94
CA VAL A 376 3.64 31.91 25.52
C VAL A 376 4.93 31.14 25.81
N GLY A 377 5.87 31.22 24.88
CA GLY A 377 7.17 30.57 25.01
C GLY A 377 8.08 30.74 23.82
N PRO A 378 9.39 30.38 23.95
CA PRO A 378 10.31 30.51 22.81
C PRO A 378 10.02 29.48 21.71
N SER A 379 10.57 29.67 20.49
CA SER A 379 10.37 28.73 19.38
C SER A 379 10.87 27.33 19.76
N GLY A 380 10.12 26.31 19.35
CA GLY A 380 10.44 24.91 19.65
C GLY A 380 10.35 24.51 21.12
N SER A 381 9.66 25.32 21.96
CA SER A 381 9.48 25.06 23.40
C SER A 381 8.51 23.89 23.68
N GLY A 382 7.65 23.58 22.71
CA GLY A 382 6.65 22.52 22.77
C GLY A 382 5.25 23.03 23.00
N LYS A 383 4.92 24.20 22.45
CA LYS A 383 3.61 24.84 22.58
C LYS A 383 2.56 24.08 21.81
N SER A 384 2.82 23.72 20.54
CA SER A 384 1.90 22.95 19.67
C SER A 384 1.59 21.55 20.22
N THR A 385 2.53 20.93 20.97
CA THR A 385 2.40 19.59 21.56
C THR A 385 1.26 19.54 22.59
N VAL A 386 0.92 20.71 23.19
CA VAL A 386 -0.16 20.86 24.19
C VAL A 386 -1.51 20.45 23.55
N LEU A 387 -1.79 20.93 22.32
CA LEU A 387 -3.02 20.61 21.58
C LEU A 387 -3.06 19.10 21.19
N SER A 388 -1.90 18.52 20.85
CA SER A 388 -1.74 17.09 20.55
C SER A 388 -2.12 16.21 21.76
N LEU A 389 -1.75 16.63 22.96
CA LEU A 389 -2.02 15.88 24.18
C LEU A 389 -3.48 16.07 24.63
N LEU A 390 -4.08 17.26 24.38
CA LEU A 390 -5.47 17.57 24.71
C LEU A 390 -6.44 16.79 23.83
N LEU A 391 -6.07 16.60 22.55
CA LEU A 391 -6.86 15.84 21.59
C LEU A 391 -6.61 14.35 21.75
N ARG A 392 -5.64 14.01 22.62
CA ARG A 392 -5.18 12.66 22.97
C ARG A 392 -4.71 11.93 21.71
N LEU A 393 -3.81 12.58 20.95
CA LEU A 393 -3.22 11.97 19.76
C LEU A 393 -2.15 11.02 20.25
N TYR A 394 -1.62 11.40 21.44
CA TYR A 394 -0.65 10.73 22.29
C TYR A 394 -1.14 10.82 23.74
N ASP A 395 -0.64 9.94 24.63
CA ASP A 395 -0.92 9.99 26.06
C ASP A 395 0.34 10.48 26.79
N PRO A 396 0.27 11.22 27.92
CA PRO A 396 1.51 11.59 28.62
C PRO A 396 2.20 10.33 29.17
N ALA A 397 3.55 10.36 29.23
CA ALA A 397 4.34 9.24 29.78
C ALA A 397 4.02 9.13 31.29
N SER A 398 4.03 10.29 31.96
CA SER A 398 3.76 10.52 33.36
C SER A 398 2.78 11.69 33.48
N GLY A 399 2.04 11.71 34.60
CA GLY A 399 1.05 12.74 34.87
C GLY A 399 -0.29 12.43 34.25
N THR A 400 -1.23 13.39 34.37
CA THR A 400 -2.60 13.25 33.85
C THR A 400 -3.11 14.54 33.18
N ILE A 401 -3.98 14.39 32.17
CA ILE A 401 -4.73 15.47 31.50
C ILE A 401 -6.16 15.17 31.86
N SER A 402 -6.87 16.14 32.48
CA SER A 402 -8.22 15.92 32.96
C SER A 402 -9.20 16.88 32.38
N LEU A 403 -10.41 16.39 32.08
CA LEU A 403 -11.54 17.19 31.61
C LEU A 403 -12.62 17.14 32.68
N ASP A 404 -12.90 18.30 33.35
CA ASP A 404 -13.88 18.43 34.44
C ASP A 404 -13.65 17.34 35.51
N GLY A 405 -12.40 17.22 35.97
CA GLY A 405 -12.02 16.23 36.96
C GLY A 405 -11.91 14.80 36.47
N HIS A 406 -12.21 14.52 35.19
CA HIS A 406 -12.12 13.18 34.59
C HIS A 406 -10.88 13.04 33.75
N ASP A 407 -10.04 12.01 34.04
CA ASP A 407 -8.84 11.71 33.28
C ASP A 407 -9.26 11.44 31.86
N ILE A 408 -8.78 12.24 30.88
CA ILE A 408 -9.19 12.11 29.48
C ILE A 408 -8.96 10.66 28.93
N ARG A 409 -8.17 9.83 29.67
CA ARG A 409 -7.92 8.42 29.35
C ARG A 409 -9.16 7.56 29.58
N GLN A 410 -9.99 7.89 30.60
CA GLN A 410 -11.21 7.12 30.92
C GLN A 410 -12.36 7.41 29.94
N LEU A 411 -12.29 8.52 29.17
CA LEU A 411 -13.33 8.95 28.22
C LEU A 411 -13.16 8.37 26.84
N ASN A 412 -14.26 8.39 26.05
CA ASN A 412 -14.26 7.95 24.65
C ASN A 412 -13.54 9.05 23.85
N PRO A 413 -12.38 8.74 23.22
CA PRO A 413 -11.57 9.80 22.57
C PRO A 413 -12.31 10.53 21.47
N VAL A 414 -13.11 9.80 20.67
CA VAL A 414 -13.91 10.38 19.58
C VAL A 414 -14.83 11.43 20.19
N TRP A 415 -15.57 11.07 21.26
CA TRP A 415 -16.44 12.00 22.00
C TRP A 415 -15.62 13.18 22.55
N LEU A 416 -14.45 12.93 23.20
CA LEU A 416 -13.58 13.98 23.76
C LEU A 416 -13.27 15.04 22.70
N ARG A 417 -12.85 14.59 21.49
CA ARG A 417 -12.53 15.46 20.36
C ARG A 417 -13.77 16.15 19.74
N SER A 418 -14.99 15.69 20.05
CA SER A 418 -16.22 16.28 19.51
C SER A 418 -16.53 17.59 20.21
N LYS A 419 -15.98 17.74 21.44
CA LYS A 419 -16.09 18.90 22.36
C LYS A 419 -14.98 19.92 22.10
N ILE A 420 -13.93 19.49 21.40
CA ILE A 420 -12.75 20.31 21.15
C ILE A 420 -12.65 20.65 19.67
N GLY A 421 -12.55 21.95 19.41
CA GLY A 421 -12.37 22.53 18.09
C GLY A 421 -10.94 23.00 18.04
N THR A 422 -10.38 23.08 16.84
CA THR A 422 -8.97 23.46 16.69
C THR A 422 -8.73 24.32 15.43
N VAL A 423 -7.86 25.33 15.56
CA VAL A 423 -7.40 26.19 14.46
C VAL A 423 -5.86 26.09 14.49
N SER A 424 -5.30 25.39 13.50
CA SER A 424 -3.87 25.12 13.34
C SER A 424 -3.07 26.34 12.85
N GLN A 425 -1.72 26.23 12.84
CA GLN A 425 -0.82 27.25 12.32
C GLN A 425 -1.04 27.25 10.81
N GLU A 426 -0.86 26.08 10.19
CA GLU A 426 -1.09 25.84 8.76
C GLU A 426 -2.19 24.78 8.64
N PRO A 427 -3.46 25.19 8.46
CA PRO A 427 -4.57 24.20 8.41
C PRO A 427 -4.46 23.26 7.21
N ILE A 428 -5.15 22.11 7.30
CA ILE A 428 -5.12 21.07 6.28
C ILE A 428 -6.49 20.97 5.59
N LEU A 429 -6.52 21.15 4.26
CA LEU A 429 -7.74 21.08 3.47
C LEU A 429 -7.65 19.93 2.49
N PHE A 430 -8.61 19.02 2.52
CA PHE A 430 -8.62 17.85 1.66
C PHE A 430 -9.00 18.22 0.24
N SER A 431 -8.64 17.37 -0.73
CA SER A 431 -8.93 17.58 -2.14
C SER A 431 -10.40 17.24 -2.41
N CYS A 432 -11.29 18.09 -1.82
CA CYS A 432 -12.76 18.13 -1.87
C CYS A 432 -13.14 19.55 -2.22
N SER A 433 -14.45 19.82 -2.23
CA SER A 433 -14.98 21.17 -2.40
C SER A 433 -14.73 21.97 -1.11
N ILE A 434 -14.78 23.31 -1.20
CA ILE A 434 -14.66 24.21 -0.05
C ILE A 434 -15.81 23.87 0.96
N ALA A 435 -17.05 23.68 0.42
CA ALA A 435 -18.26 23.33 1.17
C ALA A 435 -18.11 21.98 1.90
N GLU A 436 -17.50 20.94 1.24
CA GLU A 436 -17.26 19.61 1.83
C GLU A 436 -16.27 19.74 2.98
N ASN A 437 -15.25 20.62 2.79
CA ASN A 437 -14.22 20.94 3.78
C ASN A 437 -14.84 21.68 4.97
N ILE A 438 -15.77 22.61 4.75
CA ILE A 438 -16.45 23.33 5.84
C ILE A 438 -17.37 22.34 6.58
N ALA A 439 -18.16 21.53 5.81
CA ALA A 439 -19.11 20.52 6.31
C ALA A 439 -18.46 19.53 7.28
N TYR A 440 -17.15 19.26 7.08
CA TYR A 440 -16.29 18.36 7.85
C TYR A 440 -16.31 18.63 9.37
N GLY A 441 -16.68 19.84 9.77
CA GLY A 441 -16.79 20.22 11.17
C GLY A 441 -17.92 19.50 11.89
N ALA A 442 -19.06 19.34 11.19
CA ALA A 442 -20.29 18.71 11.69
C ALA A 442 -20.13 17.22 12.04
N ASP A 443 -20.89 16.76 13.08
CA ASP A 443 -20.91 15.35 13.51
C ASP A 443 -21.49 14.43 12.40
N ASP A 444 -22.09 15.07 11.37
CA ASP A 444 -22.61 14.46 10.14
C ASP A 444 -22.52 15.49 8.98
N PRO A 445 -21.36 15.59 8.28
CA PRO A 445 -21.23 16.55 7.17
C PRO A 445 -22.27 16.38 6.04
N SER A 446 -23.18 15.40 6.16
CA SER A 446 -24.27 15.10 5.22
C SER A 446 -25.55 15.81 5.68
N SER A 447 -25.71 15.99 7.00
CA SER A 447 -26.85 16.63 7.66
C SER A 447 -26.79 18.17 7.59
N VAL A 448 -25.62 18.75 7.27
CA VAL A 448 -25.47 20.21 7.17
C VAL A 448 -26.02 20.74 5.85
N THR A 449 -26.97 21.67 5.97
CA THR A 449 -27.66 22.33 4.87
C THR A 449 -26.73 23.37 4.25
N ALA A 450 -27.00 23.77 2.99
CA ALA A 450 -26.23 24.80 2.26
C ALA A 450 -26.20 26.12 3.05
N GLU A 451 -27.34 26.46 3.68
CA GLU A 451 -27.58 27.65 4.51
C GLU A 451 -26.66 27.67 5.75
N GLU A 452 -26.41 26.47 6.38
CA GLU A 452 -25.53 26.33 7.55
C GLU A 452 -24.08 26.62 7.17
N ILE A 453 -23.62 26.05 6.02
CA ILE A 453 -22.27 26.24 5.47
C ILE A 453 -22.09 27.72 5.05
N GLN A 454 -23.15 28.36 4.50
CA GLN A 454 -23.10 29.76 4.10
C GLN A 454 -23.05 30.68 5.33
N ARG A 455 -23.76 30.34 6.42
CA ARG A 455 -23.77 31.12 7.66
C ARG A 455 -22.36 31.21 8.26
N VAL A 456 -21.73 30.06 8.59
CA VAL A 456 -20.39 29.94 9.17
C VAL A 456 -19.30 30.59 8.27
N ALA A 457 -19.48 30.57 6.93
CA ALA A 457 -18.56 31.15 5.94
C ALA A 457 -18.59 32.67 6.01
N GLU A 458 -19.75 33.25 6.36
CA GLU A 458 -19.93 34.69 6.53
C GLU A 458 -19.24 35.14 7.82
N VAL A 459 -19.53 34.45 8.94
CA VAL A 459 -19.01 34.68 10.31
C VAL A 459 -17.48 34.51 10.37
N ALA A 460 -16.92 33.52 9.64
CA ALA A 460 -15.47 33.25 9.60
C ALA A 460 -14.73 34.17 8.59
N ASN A 461 -15.45 35.13 7.94
CA ASN A 461 -15.02 36.10 6.93
C ASN A 461 -14.40 35.39 5.70
N ALA A 462 -14.98 34.25 5.34
CA ALA A 462 -14.50 33.44 4.23
C ALA A 462 -15.38 33.51 2.99
N VAL A 463 -16.66 33.90 3.15
CA VAL A 463 -17.67 33.93 2.07
C VAL A 463 -17.26 34.82 0.87
N ALA A 464 -16.52 35.93 1.11
CA ALA A 464 -16.05 36.84 0.05
C ALA A 464 -15.10 36.13 -0.91
N PHE A 465 -14.00 35.54 -0.39
CA PHE A 465 -13.05 34.87 -1.29
C PHE A 465 -13.64 33.62 -1.91
N ILE A 466 -14.50 32.88 -1.16
CA ILE A 466 -15.13 31.64 -1.65
C ILE A 466 -16.01 31.98 -2.83
N ARG A 467 -16.90 33.00 -2.66
CA ARG A 467 -17.85 33.41 -3.71
C ARG A 467 -17.11 34.00 -4.90
N ASN A 468 -15.96 34.65 -4.65
CA ASN A 468 -15.10 35.23 -5.68
C ASN A 468 -14.31 34.17 -6.46
N PHE A 469 -14.54 32.86 -6.19
CA PHE A 469 -13.93 31.73 -6.92
C PHE A 469 -14.86 31.28 -8.04
N PRO A 470 -14.31 30.89 -9.21
CA PRO A 470 -15.16 30.47 -10.34
C PRO A 470 -16.28 29.47 -9.99
N GLN A 471 -15.98 28.39 -9.23
CA GLN A 471 -16.99 27.38 -8.88
C GLN A 471 -17.56 27.60 -7.47
N GLY A 472 -17.15 28.67 -6.81
CA GLY A 472 -17.64 29.05 -5.49
C GLY A 472 -17.37 28.07 -4.36
N PHE A 473 -18.44 27.54 -3.73
CA PHE A 473 -18.31 26.58 -2.63
C PHE A 473 -17.97 25.20 -3.17
N ASN A 474 -18.14 25.00 -4.50
CA ASN A 474 -17.86 23.75 -5.21
C ASN A 474 -16.43 23.77 -5.81
N THR A 475 -15.63 24.78 -5.43
CA THR A 475 -14.24 24.90 -5.85
C THR A 475 -13.46 23.80 -5.12
N VAL A 476 -12.93 22.84 -5.89
CA VAL A 476 -12.16 21.73 -5.34
C VAL A 476 -10.79 22.29 -4.88
N VAL A 477 -10.58 22.30 -3.56
CA VAL A 477 -9.35 22.78 -2.91
C VAL A 477 -8.40 21.58 -2.62
N GLY A 478 -7.52 21.71 -1.63
CA GLY A 478 -6.55 20.69 -1.28
C GLY A 478 -5.27 20.77 -2.08
N GLU A 479 -4.56 19.63 -2.23
CA GLU A 479 -3.32 19.57 -3.01
C GLU A 479 -3.66 19.32 -4.47
N LYS A 480 -4.50 18.30 -4.75
CA LYS A 480 -4.96 17.96 -6.10
C LYS A 480 -6.03 18.99 -6.60
N GLY A 481 -6.01 20.20 -6.04
CA GLY A 481 -6.94 21.28 -6.39
C GLY A 481 -6.36 22.67 -6.24
N VAL A 482 -7.27 23.68 -6.25
CA VAL A 482 -7.00 25.12 -6.17
C VAL A 482 -6.25 25.44 -4.87
N LEU A 483 -5.02 25.99 -4.99
CA LEU A 483 -4.17 26.35 -3.84
C LEU A 483 -4.64 27.65 -3.20
N LEU A 484 -4.74 27.64 -1.86
CA LEU A 484 -5.19 28.77 -1.04
C LEU A 484 -4.09 29.36 -0.18
N SER A 485 -4.23 30.66 0.18
CA SER A 485 -3.30 31.32 1.09
C SER A 485 -3.53 30.79 2.52
N GLY A 486 -2.61 31.10 3.42
CA GLY A 486 -2.71 30.65 4.81
C GLY A 486 -3.89 31.24 5.54
N GLY A 487 -4.12 32.53 5.26
CA GLY A 487 -5.21 33.33 5.82
C GLY A 487 -6.57 32.80 5.39
N GLN A 488 -6.65 32.33 4.13
CA GLN A 488 -7.84 31.72 3.53
C GLN A 488 -8.10 30.36 4.16
N LYS A 489 -7.06 29.48 4.19
CA LYS A 489 -7.07 28.15 4.79
C LYS A 489 -7.49 28.22 6.28
N GLN A 490 -6.97 29.25 7.03
CA GLN A 490 -7.27 29.49 8.46
C GLN A 490 -8.73 29.90 8.66
N ARG A 491 -9.29 30.75 7.76
CA ARG A 491 -10.69 31.20 7.83
C ARG A 491 -11.66 30.03 7.52
N ILE A 492 -11.26 29.12 6.64
CA ILE A 492 -12.01 27.88 6.36
C ILE A 492 -11.91 26.94 7.61
N ALA A 493 -10.75 26.97 8.31
CA ALA A 493 -10.53 26.20 9.54
C ALA A 493 -11.43 26.75 10.68
N ILE A 494 -11.71 28.09 10.64
CA ILE A 494 -12.59 28.77 11.59
C ILE A 494 -14.05 28.35 11.29
N ALA A 495 -14.44 28.33 9.97
CA ALA A 495 -15.77 27.95 9.49
C ALA A 495 -16.13 26.51 9.91
N ARG A 496 -15.16 25.61 9.79
CA ARG A 496 -15.23 24.22 10.22
C ARG A 496 -15.49 24.13 11.73
N ALA A 497 -14.70 24.88 12.56
CA ALA A 497 -14.82 24.94 14.04
C ALA A 497 -16.16 25.53 14.50
N LEU A 498 -16.64 26.61 13.84
CA LEU A 498 -17.91 27.29 14.06
C LEU A 498 -19.07 26.28 13.94
N LEU A 499 -19.06 25.46 12.86
CA LEU A 499 -20.04 24.42 12.54
C LEU A 499 -20.03 23.31 13.60
N LYS A 500 -18.83 22.85 14.01
CA LYS A 500 -18.65 21.83 15.06
C LYS A 500 -19.30 22.29 16.39
N ASN A 501 -19.20 23.62 16.68
CA ASN A 501 -19.62 24.34 17.89
C ASN A 501 -19.07 23.66 19.15
N PRO A 502 -17.73 23.75 19.36
CA PRO A 502 -17.12 23.05 20.50
C PRO A 502 -17.09 23.89 21.75
N LYS A 503 -17.16 23.27 22.93
CA LYS A 503 -17.11 24.06 24.15
C LYS A 503 -15.66 24.56 24.37
N ILE A 504 -14.66 23.72 24.02
CA ILE A 504 -13.23 24.03 24.14
C ILE A 504 -12.71 24.35 22.76
N LEU A 505 -11.89 25.40 22.65
CA LEU A 505 -11.26 25.81 21.39
C LEU A 505 -9.75 25.95 21.61
N LEU A 506 -8.96 25.37 20.71
CA LEU A 506 -7.50 25.40 20.74
C LEU A 506 -6.95 26.08 19.49
N LEU A 507 -6.44 27.31 19.65
CA LEU A 507 -5.88 28.12 18.56
C LEU A 507 -4.36 28.18 18.61
N ASP A 508 -3.72 27.89 17.47
CA ASP A 508 -2.28 27.99 17.27
C ASP A 508 -2.09 29.07 16.21
N GLU A 509 -2.03 30.33 16.67
CA GLU A 509 -1.96 31.53 15.84
C GLU A 509 -0.88 31.47 14.76
N ALA A 510 -1.19 32.03 13.58
CA ALA A 510 -0.30 32.09 12.44
C ALA A 510 0.08 33.55 12.11
N THR A 511 0.74 34.25 13.06
CA THR A 511 1.19 35.64 12.86
C THR A 511 2.41 35.69 11.93
N SER A 512 2.97 34.50 11.65
CA SER A 512 4.12 34.27 10.77
C SER A 512 3.76 34.71 9.34
N ALA A 513 2.65 34.18 8.79
CA ALA A 513 2.16 34.51 7.44
C ALA A 513 0.82 35.27 7.50
N LEU A 514 0.89 36.63 7.50
CA LEU A 514 -0.30 37.50 7.56
C LEU A 514 -0.04 38.93 7.05
N ASP A 515 -0.94 39.41 6.17
CA ASP A 515 -0.93 40.77 5.60
C ASP A 515 -2.16 41.55 6.13
N ALA A 516 -2.09 42.90 6.15
CA ALA A 516 -3.12 43.83 6.64
C ALA A 516 -4.58 43.41 6.32
N GLU A 517 -4.86 42.97 5.07
CA GLU A 517 -6.19 42.56 4.61
C GLU A 517 -6.64 41.25 5.29
N ASN A 518 -5.80 40.18 5.23
CA ASN A 518 -6.08 38.87 5.83
C ASN A 518 -6.08 38.98 7.35
N GLU A 519 -4.93 39.38 7.96
CA GLU A 519 -4.70 39.52 9.41
C GLU A 519 -5.85 40.24 10.14
N TYR A 520 -6.58 41.16 9.46
CA TYR A 520 -7.71 41.81 10.11
C TYR A 520 -8.94 40.89 10.09
N LEU A 521 -9.38 40.41 8.89
CA LEU A 521 -10.54 39.53 8.73
C LEU A 521 -10.39 38.19 9.50
N VAL A 522 -9.14 37.77 9.78
CA VAL A 522 -8.83 36.55 10.52
C VAL A 522 -8.96 36.86 12.02
N GLN A 523 -8.38 37.99 12.49
CA GLN A 523 -8.45 38.39 13.89
C GLN A 523 -9.90 38.70 14.32
N GLU A 524 -10.72 39.21 13.38
CA GLU A 524 -12.14 39.55 13.54
C GLU A 524 -12.99 38.26 13.61
N ALA A 525 -12.66 37.26 12.77
CA ALA A 525 -13.32 35.96 12.72
C ALA A 525 -12.97 35.14 13.94
N LEU A 526 -11.71 35.23 14.40
CA LEU A 526 -11.20 34.54 15.58
C LEU A 526 -11.76 35.14 16.86
N ASP A 527 -12.18 36.40 16.81
CA ASP A 527 -12.78 37.05 17.96
C ASP A 527 -14.20 36.53 18.12
N ARG A 528 -14.94 36.43 16.98
CA ARG A 528 -16.31 35.91 16.94
C ARG A 528 -16.35 34.45 17.39
N LEU A 529 -15.32 33.67 16.98
CA LEU A 529 -15.13 32.24 17.29
C LEU A 529 -14.82 32.01 18.77
N MET A 530 -13.86 32.77 19.35
CA MET A 530 -13.46 32.65 20.75
C MET A 530 -14.60 32.85 21.74
N ASP A 531 -15.53 33.77 21.40
CA ASP A 531 -16.69 34.17 22.19
C ASP A 531 -17.51 33.00 22.74
N GLY A 532 -17.56 32.92 24.08
CA GLY A 532 -18.33 31.93 24.82
C GLY A 532 -17.80 30.51 24.76
N ARG A 533 -16.47 30.34 24.90
CA ARG A 533 -15.78 29.04 24.85
C ARG A 533 -14.55 29.02 25.75
N THR A 534 -14.17 27.82 26.25
CA THR A 534 -12.91 27.66 26.99
C THR A 534 -11.82 27.73 25.92
N VAL A 535 -11.01 28.80 25.92
CA VAL A 535 -10.00 28.98 24.88
C VAL A 535 -8.61 28.77 25.43
N LEU A 536 -7.81 28.05 24.66
CA LEU A 536 -6.37 27.88 24.83
C LEU A 536 -5.78 28.36 23.53
N VAL A 537 -5.13 29.53 23.57
CA VAL A 537 -4.54 30.15 22.40
C VAL A 537 -3.02 30.20 22.58
N ILE A 538 -2.27 29.72 21.56
CA ILE A 538 -0.81 29.84 21.51
C ILE A 538 -0.63 31.18 20.84
N ALA A 539 -0.34 32.20 21.67
CA ALA A 539 -0.28 33.59 21.27
C ALA A 539 1.03 34.00 20.60
N HIS A 540 0.90 34.65 19.44
CA HIS A 540 2.01 35.18 18.65
C HIS A 540 1.90 36.72 18.64
N ARG A 541 0.66 37.22 18.47
CA ARG A 541 0.28 38.63 18.49
C ARG A 541 0.16 39.14 19.93
N LEU A 542 0.84 40.26 20.26
CA LEU A 542 0.82 40.83 21.62
C LEU A 542 -0.59 41.32 22.01
N SER A 543 -1.42 41.63 21.00
CA SER A 543 -2.80 42.10 21.22
C SER A 543 -3.65 41.03 21.92
N THR A 544 -3.51 39.73 21.53
CA THR A 544 -4.27 38.64 22.14
C THR A 544 -3.77 38.27 23.54
N ILE A 545 -2.47 38.47 23.85
CA ILE A 545 -1.90 38.21 25.18
C ILE A 545 -2.53 39.20 26.19
N LYS A 546 -2.58 40.50 25.79
CA LYS A 546 -3.09 41.65 26.53
C LYS A 546 -4.50 41.44 27.08
N ASN A 547 -5.47 40.97 26.25
CA ASN A 547 -6.85 40.79 26.70
C ASN A 547 -7.21 39.30 27.04
N ALA A 548 -6.19 38.43 27.28
CA ALA A 548 -6.41 37.04 27.69
C ALA A 548 -6.56 37.03 29.21
N ASN A 549 -7.50 36.21 29.74
CA ASN A 549 -7.75 36.10 31.20
C ASN A 549 -6.49 35.69 31.97
N MET A 550 -5.62 34.85 31.38
CA MET A 550 -4.35 34.40 31.97
C MET A 550 -3.30 34.07 30.91
N VAL A 551 -2.03 34.29 31.25
CA VAL A 551 -0.88 34.01 30.39
C VAL A 551 -0.02 32.98 31.10
N ALA A 552 0.33 31.89 30.40
CA ALA A 552 1.17 30.83 30.95
C ALA A 552 2.42 30.74 30.13
N VAL A 553 3.59 30.87 30.78
CA VAL A 553 4.87 30.84 30.07
C VAL A 553 5.49 29.44 30.15
N LEU A 554 5.79 28.88 28.96
CA LEU A 554 6.41 27.57 28.80
C LEU A 554 7.88 27.74 28.49
N ASP A 555 8.71 27.37 29.46
CA ASP A 555 10.16 27.37 29.36
C ASP A 555 10.69 26.05 29.93
N GLN A 556 11.57 25.40 29.16
CA GLN A 556 12.26 24.17 29.51
C GLN A 556 11.29 23.03 29.95
N GLY A 557 10.14 22.92 29.28
CA GLY A 557 9.12 21.90 29.49
C GLY A 557 8.18 22.02 30.69
N LYS A 558 8.08 23.23 31.29
CA LYS A 558 7.24 23.49 32.47
C LYS A 558 6.62 24.87 32.40
N ILE A 559 5.56 25.11 33.19
CA ILE A 559 4.93 26.42 33.24
C ILE A 559 5.73 27.22 34.28
N THR A 560 6.69 27.99 33.76
CA THR A 560 7.64 28.80 34.53
C THR A 560 6.95 30.04 35.15
N GLU A 561 5.91 30.61 34.50
CA GLU A 561 5.18 31.79 34.97
C GLU A 561 3.70 31.67 34.62
N TYR A 562 2.81 32.26 35.45
CA TYR A 562 1.36 32.17 35.29
C TYR A 562 0.65 33.37 35.96
N GLY A 563 0.05 34.22 35.13
CA GLY A 563 -0.68 35.42 35.58
C GLY A 563 -1.12 36.28 34.41
N LYS A 564 -1.84 37.40 34.70
CA LYS A 564 -2.33 38.35 33.69
C LYS A 564 -1.16 39.08 33.00
N HIS A 565 -1.36 39.59 31.76
CA HIS A 565 -0.34 40.29 30.96
C HIS A 565 0.44 41.36 31.77
N GLU A 566 -0.29 42.17 32.60
CA GLU A 566 0.30 43.21 33.44
C GLU A 566 1.12 42.56 34.58
N GLU A 567 0.53 41.60 35.32
CA GLU A 567 1.18 40.88 36.43
C GLU A 567 2.09 39.77 35.90
N GLY B . -23.00 -12.17 -13.77
CA GLY B . -23.19 -12.10 -12.33
C GLY B . -21.99 -12.72 -11.58
O GLY B . -22.00 -13.95 -11.35
OXT GLY B . -21.08 -11.96 -11.19
MG MG C . 3.75 25.82 17.31
PG ACP D . 6.91 26.74 16.54
O1G ACP D . 7.52 27.90 17.25
O2G ACP D . 7.35 26.62 15.06
O3G ACP D . 5.36 26.73 16.59
PB ACP D . 6.62 24.89 18.76
O1B ACP D . 7.12 25.50 20.05
O2B ACP D . 5.06 24.90 18.54
C3B ACP D . 7.46 25.28 17.32
PA ACP D . 6.28 21.98 18.72
O1A ACP D . 5.66 21.93 17.37
O2A ACP D . 5.45 21.48 19.90
O3A ACP D . 6.90 23.36 19.18
O5' ACP D . 7.41 20.83 18.85
C5' ACP D . 8.55 20.82 19.74
C4' ACP D . 9.64 19.96 19.15
O4' ACP D . 9.12 18.64 18.85
C3' ACP D . 10.31 20.48 17.87
O3' ACP D . 11.73 20.45 17.98
C2' ACP D . 9.74 19.58 16.78
O2' ACP D . 10.62 19.38 15.68
C1' ACP D . 9.50 18.27 17.53
N9 ACP D . 8.45 17.41 16.98
C8 ACP D . 7.19 17.79 16.59
N7 ACP D . 6.43 16.79 16.18
C5 ACP D . 7.25 15.68 16.32
C6 ACP D . 7.03 14.30 16.10
N6 ACP D . 5.88 13.80 15.65
N1 ACP D . 8.04 13.45 16.36
C2 ACP D . 9.22 13.95 16.80
N3 ACP D . 9.54 15.23 17.05
C4 ACP D . 8.50 16.05 16.80
C1B LMT E . 6.23 -48.06 -39.59
C2B LMT E . 5.60 -49.30 -40.23
C3B LMT E . 4.63 -48.93 -41.34
C4B LMT E . 3.65 -47.84 -40.92
C5B LMT E . 4.37 -46.67 -40.24
C6B LMT E . 3.45 -45.64 -39.64
O1B LMT E . 7.17 -47.49 -40.48
O2B LMT E . 6.62 -50.14 -40.75
O3B LMT E . 3.90 -50.08 -41.74
O4' LMT E . 2.99 -47.32 -42.07
O5B LMT E . 5.22 -47.14 -39.18
O6B LMT E . 4.14 -44.46 -39.29
C1' LMT E . 11.00 -45.81 -40.40
C2' LMT E . 10.88 -47.25 -39.89
C3' LMT E . 9.56 -47.86 -40.33
C4' LMT E . 8.39 -46.96 -39.93
C5' LMT E . 8.61 -45.54 -40.44
C6' LMT E . 7.56 -44.54 -40.00
O1' LMT E . 12.19 -45.27 -39.92
O2' LMT E . 11.98 -48.01 -40.38
O3' LMT E . 9.40 -49.15 -39.75
O5' LMT E . 9.88 -45.04 -39.97
O6' LMT E . 7.25 -44.68 -38.64
C1 LMT E . 12.72 -44.21 -40.72
C2 LMT E . 12.99 -43.03 -39.84
C3 LMT E . 14.24 -43.15 -39.02
C4 LMT E . 15.20 -42.00 -39.24
C5 LMT E . 15.31 -41.04 -38.06
C6 LMT E . 14.25 -39.94 -38.02
C7 LMT E . 14.25 -39.16 -36.69
C8 LMT E . 13.81 -37.72 -36.83
C9 LMT E . 14.78 -36.82 -37.60
C10 LMT E . 15.87 -36.20 -36.74
C11 LMT E . 16.75 -35.22 -37.49
C12 LMT E . 17.65 -34.41 -36.59
C1 CDL F . 17.41 -46.79 -19.96
O1 CDL F . 17.61 -47.13 -18.59
CA2 CDL F . 18.54 -47.39 -20.75
OA2 CDL F . 18.69 -46.87 -22.09
PA1 CDL F . 19.72 -47.60 -23.06
OA3 CDL F . 19.72 -49.05 -22.75
OA4 CDL F . 19.41 -47.17 -24.43
OA5 CDL F . 21.15 -46.98 -22.69
CA3 CDL F . 21.75 -46.02 -23.59
CA4 CDL F . 22.06 -44.71 -22.92
OA6 CDL F . 23.41 -44.80 -22.37
CA5 CDL F . 24.41 -45.04 -23.23
OA7 CDL F . 24.24 -45.51 -24.32
C11 CDL F . 25.73 -44.60 -22.67
C12 CDL F . 26.07 -43.16 -23.05
C13 CDL F . 27.38 -42.67 -22.47
C14 CDL F . 27.68 -41.22 -22.80
CA6 CDL F . 22.12 -43.58 -23.92
OA8 CDL F . 22.75 -42.43 -23.33
CA7 CDL F . 22.51 -42.21 -22.04
OA9 CDL F . 21.79 -42.90 -21.38
C31 CDL F . 23.26 -41.02 -21.52
C32 CDL F . 22.90 -40.76 -20.06
C33 CDL F . 23.92 -39.91 -19.32
C34 CDL F . 23.76 -38.42 -19.51
C35 CDL F . 24.54 -37.62 -18.48
C36 CDL F . 24.50 -36.11 -18.68
C37 CDL F . 25.25 -35.35 -17.60
C38 CDL F . 25.35 -33.86 -17.84
C39 CDL F . 25.91 -33.26 -18.87
C40 CDL F . 26.01 -31.76 -19.08
C41 CDL F . 26.93 -31.07 -18.09
C42 CDL F . 26.54 -29.64 -17.80
C43 CDL F . 26.35 -28.79 -19.03
C44 CDL F . 25.84 -27.39 -18.73
C45 CDL F . 24.55 -27.35 -17.92
C46 CDL F . 23.92 -25.98 -17.83
C47 CDL F . 24.82 -24.93 -17.23
CB2 CDL F . 16.05 -47.27 -20.40
OB2 CDL F . 15.60 -48.45 -19.69
PB2 CDL F . 14.60 -49.45 -20.42
OB3 CDL F . 14.56 -49.01 -21.83
OB4 CDL F . 15.00 -50.85 -20.13
OB5 CDL F . 13.15 -49.18 -19.81
CB3 CDL F . 12.98 -48.67 -18.47
CB4 CDL F . 11.95 -49.46 -17.72
OB6 CDL F . 10.61 -48.89 -17.92
CB5 CDL F . 9.59 -49.48 -17.29
OB7 CDL F . 9.69 -50.52 -16.69
C51 CDL F . 8.33 -48.67 -17.39
C52 CDL F . 7.42 -48.77 -16.17
C53 CDL F . 7.97 -48.06 -14.93
C54 CDL F . 7.93 -46.54 -15.03
CB6 CDL F . 12.19 -49.43 -16.23
OB8 CDL F . 11.46 -48.32 -15.65
CB7 CDL F . 12.13 -47.17 -15.50
OB9 CDL F . 13.27 -47.03 -15.81
C71 CDL F . 11.26 -46.11 -14.90
C72 CDL F . 11.93 -45.46 -13.69
C73 CDL F . 11.17 -44.27 -13.14
C74 CDL F . 11.60 -43.88 -11.75
C75 CDL F . 10.84 -42.70 -11.17
C76 CDL F . 11.06 -42.51 -9.69
C77 CDL F . 10.34 -41.31 -9.10
C78 CDL F . 10.30 -41.31 -7.59
C79 CDL F . 9.77 -42.25 -6.82
C80 CDL F . 9.72 -42.26 -5.30
C81 CDL F . 8.83 -41.19 -4.71
C82 CDL F . 9.27 -40.71 -3.35
C83 CDL F . 9.53 -41.83 -2.36
C84 CDL F . 10.21 -41.37 -1.08
C85 CDL F . 11.53 -40.64 -1.31
C86 CDL F . 12.34 -40.42 -0.05
C87 CDL F . 11.60 -39.64 1.01
C1 LMT G . 12.42 -20.01 -14.75
C2 LMT G . 11.81 -21.19 -15.48
C3 LMT G . 12.75 -22.38 -15.70
C4 LMT G . 12.03 -23.58 -16.31
C5 LMT G . 12.93 -24.65 -16.96
C6 LMT G . 12.15 -25.64 -17.82
C7 LMT G . 12.99 -26.70 -18.57
C8 LMT G . 13.09 -28.05 -17.86
C9 LMT G . 13.30 -29.24 -18.79
C10 LMT G . 12.12 -30.22 -18.84
C11 LMT G . 12.19 -31.24 -19.98
C12 LMT G . 11.10 -32.29 -19.96
C1B LMT H . 20.19 -50.84 -28.51
C2B LMT H . 20.52 -51.93 -29.55
C3B LMT H . 19.45 -51.98 -30.63
C4B LMT H . 18.05 -52.09 -30.05
C5B LMT H . 17.83 -51.00 -29.00
C6B LMT H . 16.52 -51.13 -28.25
O1B LMT H . 20.42 -49.56 -29.10
O2B LMT H . 21.80 -51.70 -30.13
O3B LMT H . 19.69 -53.10 -31.50
O4' LMT H . 17.09 -51.96 -31.09
O5B LMT H . 18.88 -51.02 -28.01
O6B LMT H . 16.34 -50.06 -27.32
C1' LMT H . 21.30 -45.62 -28.14
C2' LMT H . 21.96 -46.65 -27.24
C3' LMT H . 21.89 -48.03 -27.90
C4' LMT H . 20.44 -48.39 -28.26
C5' LMT H . 19.78 -47.24 -29.05
C6' LMT H . 18.30 -47.42 -29.27
O1' LMT H . 21.38 -44.37 -27.50
O2' LMT H . 23.31 -46.31 -26.99
O3' LMT H . 22.46 -48.99 -27.02
O5' LMT H . 19.95 -45.99 -28.37
O6' LMT H . 17.59 -47.38 -28.05
C1 LMT H . 21.50 -43.27 -28.40
C2 LMT H . 21.47 -41.95 -27.67
C3 LMT H . 22.84 -41.39 -27.26
C4 LMT H . 22.72 -40.17 -26.35
C5 LMT H . 24.02 -39.43 -26.12
C6 LMT H . 24.11 -38.70 -24.77
C7 LMT H . 23.68 -37.25 -24.78
C8 LMT H . 23.64 -36.61 -23.39
C9 LMT H . 23.15 -35.18 -23.37
C10 LMT H . 24.25 -34.15 -23.18
C11 LMT H . 23.99 -33.11 -22.07
C12 LMT H . 23.12 -31.94 -22.47
CA5 CDL I . -9.49 -38.56 -34.17
C11 CDL I . -10.30 -37.96 -33.06
C12 CDL I . -10.16 -36.44 -32.92
C13 CDL I . -8.83 -35.97 -32.31
C14 CDL I . -7.94 -35.11 -33.23
C15 CDL I . -6.99 -34.15 -32.48
C16 CDL I . -6.06 -33.34 -33.38
C17 CDL I . -5.96 -31.85 -33.01
C18 CDL I . -4.98 -31.05 -33.91
C19 CDL I . -4.85 -29.72 -34.04
C20 CDL I . -5.64 -28.61 -33.35
C21 CDL I . -5.30 -27.18 -33.81
C22 CDL I . -4.06 -26.55 -33.14
C23 CDL I . -4.30 -25.89 -31.77
C24 CDL I . -4.50 -24.37 -31.80
C25 CDL I . -3.22 -23.54 -31.85
C26 CDL I . -3.44 -22.04 -31.79
C27 CDL I . -2.16 -21.23 -31.71
#